data_1AOR
#
_entry.id   1AOR
#
_cell.length_a   80.939
_cell.length_b   108.332
_cell.length_c   159.792
_cell.angle_alpha   90.00
_cell.angle_beta   90.00
_cell.angle_gamma   90.00
#
_symmetry.space_group_name_H-M   'P 21 21 21'
#
loop_
_entity.id
_entity.type
_entity.pdbx_description
1 polymer 'ALDEHYDE FERREDOXIN OXIDOREDUCTASE'
2 non-polymer 'FE (III) ION'
3 non-polymer 'SODIUM ION'
4 non-polymer 'IRON/SULFUR CLUSTER'
5 non-polymer 'TUNGSTOPTERIN COFACTOR'
6 water water
#
_entity_poly.entity_id   1
_entity_poly.type   'polypeptide(L)'
_entity_poly.pdbx_seq_one_letter_code
;MYGNWGRFIRVNLSTGDIKVEEYDEELAKKWLGSRGLAIYLLLKEMDPTVDPLSPENKLIIAAGPLTGTSAPTGGRYNVV
TKSPLTGFITMANSGGYFGAELKFAGYDAIVVEGKAEKPVYIYIKDEHIEIRDASHIWGKKVSETEATIRKEVGSEKVKI
ASIGPAGENLVKFAAIMNDGHRAAGRGGVGAVMGSKNLKAIAVEGSKTVPIADKQKFMLVVREKVNKLRNDPVAGGGLPK
YGTAVLVNIINENGLYPVKNFQTGVYPYAYEQSGEAMAAKYLVRNKPCYACPIGCGRVNRLPTVGETEGPEYESVWALGA
NLGINDLASIIEANHMCDELGLDTISTGGTLATAMELYEKGHIKDEELGDAPPFRWGNTEVLHYYIEKIAKREGFGDKLA
EGSYRLAESYGHPELSMTVKKLELPAYDPRGAEGHGLGYATNNRGGCHIKNYMISPEILGYPYKMDPHDVSDDKIKMLIL
FQDLTALIDSAGLCLFTTFGLGADDYRDLLNAALGWDFTTEDYLKIGERIWNAERLFNLKAGLDPARDDTLPKRFLEEPM
PEGPNKGHTVRLKEMLPRYYKLRGWTEDGKIPKEKLEELGIAEFY
;
_entity_poly.pdbx_strand_id   A,B
#
# COMPACT_ATOMS: atom_id res chain seq x y z
N MET A 1 41.92 29.14 9.20
CA MET A 1 40.63 28.99 8.49
C MET A 1 39.59 28.52 9.48
N TYR A 2 38.34 28.89 9.25
CA TYR A 2 37.23 28.50 10.12
C TYR A 2 36.06 28.03 9.25
N GLY A 3 35.11 27.32 9.86
CA GLY A 3 33.98 26.80 9.12
C GLY A 3 34.53 25.64 8.31
N ASN A 4 35.25 25.99 7.25
CA ASN A 4 35.90 25.01 6.40
C ASN A 4 37.13 24.49 7.14
N TRP A 5 37.43 23.22 6.95
CA TRP A 5 38.61 22.59 7.54
C TRP A 5 39.81 22.84 6.63
N GLY A 6 39.57 22.89 5.33
CA GLY A 6 40.65 23.09 4.36
C GLY A 6 41.23 21.76 3.94
N ARG A 7 40.46 20.69 4.14
CA ARG A 7 40.88 19.31 3.82
C ARG A 7 39.76 18.55 3.11
N PHE A 8 40.11 17.64 2.21
CA PHE A 8 39.12 16.81 1.54
C PHE A 8 39.73 15.50 1.07
N ILE A 9 38.94 14.45 1.10
CA ILE A 9 39.40 13.13 0.68
C ILE A 9 39.25 12.96 -0.82
N ARG A 10 40.20 12.25 -1.43
CA ARG A 10 40.17 11.97 -2.86
C ARG A 10 40.36 10.46 -2.92
N VAL A 11 39.38 9.76 -3.48
CA VAL A 11 39.46 8.31 -3.57
C VAL A 11 39.38 7.85 -5.02
N ASN A 12 40.36 7.07 -5.44
CA ASN A 12 40.37 6.53 -6.80
C ASN A 12 39.95 5.07 -6.64
N LEU A 13 38.67 4.79 -6.89
CA LEU A 13 38.13 3.43 -6.74
C LEU A 13 38.71 2.34 -7.64
N SER A 14 39.33 2.75 -8.74
CA SER A 14 39.92 1.79 -9.67
C SER A 14 41.15 1.13 -9.07
N THR A 15 41.95 1.91 -8.35
CA THR A 15 43.17 1.41 -7.74
C THR A 15 43.10 1.28 -6.23
N GLY A 16 42.16 2.00 -5.61
CA GLY A 16 42.01 1.96 -4.16
C GLY A 16 42.87 3.01 -3.50
N ASP A 17 43.35 3.98 -4.29
CA ASP A 17 44.19 5.04 -3.76
C ASP A 17 43.37 6.05 -2.99
N ILE A 18 43.83 6.40 -1.79
CA ILE A 18 43.14 7.37 -0.95
C ILE A 18 44.09 8.52 -0.62
N LYS A 19 43.63 9.76 -0.76
CA LYS A 19 44.43 10.95 -0.46
C LYS A 19 43.62 12.01 0.24
N VAL A 20 44.19 12.62 1.28
CA VAL A 20 43.52 13.70 1.97
C VAL A 20 44.26 14.90 1.44
N GLU A 21 43.53 15.83 0.85
CA GLU A 21 44.16 17.00 0.27
C GLU A 21 43.75 18.26 1.00
N GLU A 22 44.53 19.32 0.82
CA GLU A 22 44.27 20.58 1.48
C GLU A 22 44.20 21.74 0.51
N TYR A 23 43.65 22.84 0.99
CA TYR A 23 43.54 24.06 0.21
C TYR A 23 43.63 25.24 1.19
N ASP A 24 44.03 26.39 0.68
CA ASP A 24 44.18 27.58 1.52
C ASP A 24 42.94 28.46 1.56
N GLU A 25 42.96 29.40 2.50
CA GLU A 25 41.86 30.32 2.69
C GLU A 25 41.62 31.20 1.48
N GLU A 26 42.63 31.38 0.64
CA GLU A 26 42.48 32.21 -0.55
C GLU A 26 41.46 31.60 -1.51
N LEU A 27 41.46 30.27 -1.60
CA LEU A 27 40.55 29.54 -2.47
C LEU A 27 39.14 29.64 -1.89
N ALA A 28 39.04 29.51 -0.56
CA ALA A 28 37.76 29.60 0.14
C ALA A 28 37.13 30.98 0.00
N LYS A 29 37.96 32.02 -0.11
CA LYS A 29 37.42 33.39 -0.24
C LYS A 29 36.90 33.69 -1.64
N LYS A 30 37.16 32.79 -2.57
CA LYS A 30 36.73 32.96 -3.94
C LYS A 30 35.50 32.07 -4.25
N TRP A 31 35.50 30.86 -3.69
CA TRP A 31 34.43 29.90 -3.91
C TRP A 31 33.53 29.55 -2.72
N LEU A 32 33.91 30.00 -1.53
CA LEU A 32 33.21 29.76 -0.26
C LEU A 32 33.18 28.31 0.25
N GLY A 33 32.59 27.39 -0.52
CA GLY A 33 32.53 26.00 -0.10
C GLY A 33 31.43 25.21 -0.79
N SER A 34 31.32 23.93 -0.43
CA SER A 34 30.30 23.05 -0.98
C SER A 34 30.12 23.17 -2.50
N ARG A 35 28.96 23.66 -2.94
CA ARG A 35 28.66 23.84 -4.37
C ARG A 35 29.75 24.61 -5.13
N GLY A 36 30.18 25.73 -4.55
CA GLY A 36 31.21 26.54 -5.17
C GLY A 36 32.52 25.79 -5.32
N LEU A 37 32.98 25.18 -4.23
CA LEU A 37 34.22 24.41 -4.24
C LEU A 37 34.15 23.26 -5.26
N ALA A 38 33.00 22.62 -5.36
CA ALA A 38 32.86 21.51 -6.30
C ALA A 38 33.00 21.92 -7.76
N ILE A 39 32.41 23.05 -8.16
CA ILE A 39 32.50 23.49 -9.55
C ILE A 39 33.92 23.91 -9.93
N TYR A 40 34.65 24.48 -8.98
CA TYR A 40 36.03 24.87 -9.25
C TYR A 40 36.86 23.61 -9.51
N LEU A 41 36.65 22.58 -8.68
CA LEU A 41 37.39 21.34 -8.84
C LEU A 41 37.14 20.66 -10.16
N LEU A 42 35.90 20.70 -10.65
CA LEU A 42 35.57 20.07 -11.92
C LEU A 42 36.10 20.85 -13.12
N LEU A 43 35.96 22.17 -13.10
CA LEU A 43 36.45 23.01 -14.20
C LEU A 43 37.95 22.87 -14.30
N LYS A 44 38.57 22.78 -13.15
CA LYS A 44 40.02 22.66 -13.04
C LYS A 44 40.56 21.28 -13.41
N GLU A 45 39.88 20.23 -12.96
CA GLU A 45 40.35 18.87 -13.18
C GLU A 45 39.68 17.97 -14.19
N MET A 46 38.48 18.31 -14.63
CA MET A 46 37.76 17.43 -15.54
C MET A 46 37.37 17.96 -16.91
N ASP A 47 37.46 17.08 -17.90
CA ASP A 47 37.09 17.39 -19.27
C ASP A 47 35.55 17.37 -19.27
N PRO A 48 34.91 18.52 -19.52
CA PRO A 48 33.45 18.68 -19.56
C PRO A 48 32.76 17.77 -20.56
N THR A 49 33.56 17.13 -21.40
CA THR A 49 33.10 16.26 -22.45
C THR A 49 33.01 14.77 -22.08
N VAL A 50 33.55 14.36 -20.95
CA VAL A 50 33.50 12.94 -20.56
C VAL A 50 32.10 12.36 -20.53
N ASP A 51 32.00 11.06 -20.76
CA ASP A 51 30.71 10.36 -20.71
C ASP A 51 30.35 10.32 -19.21
N PRO A 52 29.14 10.79 -18.87
CA PRO A 52 28.65 10.82 -17.50
C PRO A 52 28.76 9.49 -16.75
N LEU A 53 28.61 8.38 -17.45
CA LEU A 53 28.69 7.08 -16.81
C LEU A 53 30.03 6.37 -16.98
N SER A 54 31.02 7.08 -17.53
CA SER A 54 32.34 6.48 -17.69
C SER A 54 33.07 6.72 -16.38
N PRO A 55 34.11 5.93 -16.08
CA PRO A 55 34.85 6.12 -14.82
C PRO A 55 35.64 7.41 -14.74
N GLU A 56 35.63 8.19 -15.83
CA GLU A 56 36.35 9.47 -15.88
C GLU A 56 35.58 10.59 -15.21
N ASN A 57 34.27 10.43 -15.11
CA ASN A 57 33.42 11.41 -14.47
C ASN A 57 33.80 11.39 -12.99
N LYS A 58 33.62 12.50 -12.30
CA LYS A 58 33.94 12.58 -10.88
C LYS A 58 32.70 12.91 -10.10
N LEU A 59 32.59 12.31 -8.92
CA LEU A 59 31.45 12.53 -8.03
C LEU A 59 31.97 13.30 -6.83
N ILE A 60 31.37 14.45 -6.54
CA ILE A 60 31.81 15.27 -5.42
C ILE A 60 30.72 15.48 -4.38
N ILE A 61 30.94 14.95 -3.18
CA ILE A 61 30.02 15.09 -2.05
C ILE A 61 30.70 16.16 -1.22
N ALA A 62 30.08 17.32 -1.05
CA ALA A 62 30.73 18.40 -0.29
C ALA A 62 29.86 19.18 0.68
N ALA A 63 30.35 19.33 1.90
CA ALA A 63 29.65 20.10 2.93
C ALA A 63 30.07 21.55 2.74
N GLY A 64 29.46 22.46 3.48
CA GLY A 64 29.82 23.86 3.36
C GLY A 64 30.40 24.37 4.68
N PRO A 65 30.93 25.59 4.71
CA PRO A 65 31.52 26.10 5.97
C PRO A 65 30.64 26.08 7.22
N LEU A 66 29.33 26.32 7.05
CA LEU A 66 28.42 26.33 8.19
C LEU A 66 27.79 24.97 8.52
N THR A 67 28.12 23.94 7.75
CA THR A 67 27.59 22.60 7.98
C THR A 67 28.26 22.05 9.24
N GLY A 68 27.46 21.62 10.20
CA GLY A 68 28.03 21.08 11.42
C GLY A 68 28.26 22.13 12.49
N THR A 69 27.70 23.32 12.31
CA THR A 69 27.84 24.38 13.30
C THR A 69 26.45 24.62 13.86
N SER A 70 26.31 25.64 14.70
CA SER A 70 25.02 25.97 15.29
C SER A 70 24.24 27.00 14.49
N ALA A 71 24.76 27.38 13.32
CA ALA A 71 24.09 28.33 12.44
C ALA A 71 22.71 27.72 12.19
N PRO A 72 21.64 28.53 12.19
CA PRO A 72 20.31 27.97 11.94
C PRO A 72 20.29 27.18 10.64
N THR A 73 20.01 25.88 10.73
CA THR A 73 19.91 25.06 9.52
C THR A 73 21.27 24.61 8.93
N GLY A 74 22.34 24.75 9.71
CA GLY A 74 23.66 24.38 9.23
C GLY A 74 23.97 22.89 9.18
N GLY A 75 23.28 22.16 8.31
CA GLY A 75 23.53 20.73 8.20
C GLY A 75 23.34 20.21 6.78
N ARG A 76 23.46 21.13 5.82
CA ARG A 76 23.26 20.82 4.41
C ARG A 76 24.55 20.56 3.64
N TYR A 77 24.45 19.76 2.59
CA TYR A 77 25.60 19.45 1.73
C TYR A 77 25.10 19.26 0.30
N ASN A 78 26.03 19.26 -0.65
CA ASN A 78 25.70 19.09 -2.06
C ASN A 78 26.46 17.94 -2.70
N VAL A 79 25.88 17.38 -3.76
CA VAL A 79 26.51 16.32 -4.54
C VAL A 79 26.60 16.98 -5.91
N VAL A 80 27.78 17.03 -6.49
CA VAL A 80 27.95 17.66 -7.81
C VAL A 80 28.69 16.74 -8.77
N THR A 81 28.19 16.66 -9.99
CA THR A 81 28.79 15.82 -11.01
C THR A 81 28.13 16.14 -12.36
N LYS A 82 28.60 15.51 -13.43
CA LYS A 82 28.00 15.71 -14.75
C LYS A 82 26.84 14.73 -14.80
N SER A 83 25.66 15.21 -15.17
CA SER A 83 24.46 14.40 -15.22
C SER A 83 24.28 13.43 -16.39
N PRO A 84 23.92 12.18 -16.10
CA PRO A 84 23.71 11.14 -17.12
C PRO A 84 22.37 11.43 -17.82
N LEU A 85 21.49 12.10 -17.10
CA LEU A 85 20.17 12.43 -17.60
C LEU A 85 20.15 13.60 -18.56
N THR A 86 20.73 14.72 -18.14
CA THR A 86 20.75 15.95 -18.94
C THR A 86 22.03 16.18 -19.77
N GLY A 87 23.15 15.62 -19.34
CA GLY A 87 24.41 15.81 -20.04
C GLY A 87 25.12 17.09 -19.60
N PHE A 88 24.54 17.79 -18.62
CA PHE A 88 25.09 19.03 -18.08
C PHE A 88 25.44 18.89 -16.60
N ILE A 89 25.86 19.99 -16.00
CA ILE A 89 26.22 19.99 -14.59
C ILE A 89 24.97 19.77 -13.75
N THR A 90 25.13 19.15 -12.60
CA THR A 90 24.02 18.95 -11.68
C THR A 90 24.57 19.09 -10.27
N MET A 91 23.83 19.83 -9.44
CA MET A 91 24.17 20.02 -8.04
C MET A 91 22.91 19.64 -7.28
N ALA A 92 23.00 18.61 -6.46
CA ALA A 92 21.87 18.11 -5.68
C ALA A 92 22.13 18.37 -4.20
N ASN A 93 21.20 19.07 -3.55
CA ASN A 93 21.33 19.42 -2.14
C ASN A 93 20.56 18.43 -1.23
N SER A 94 21.11 18.16 -0.04
CA SER A 94 20.46 17.24 0.90
C SER A 94 20.68 17.66 2.34
N GLY A 95 19.71 17.36 3.20
CA GLY A 95 19.81 17.71 4.60
C GLY A 95 20.03 16.49 5.47
N GLY A 96 19.33 16.42 6.60
CA GLY A 96 19.50 15.28 7.48
C GLY A 96 20.64 15.46 8.45
N TYR A 97 21.51 14.46 8.54
CA TYR A 97 22.63 14.47 9.47
C TYR A 97 23.96 14.02 8.89
N PHE A 98 23.93 13.46 7.68
CA PHE A 98 25.16 12.99 7.05
C PHE A 98 26.17 14.13 6.88
N GLY A 99 25.69 15.25 6.34
CA GLY A 99 26.54 16.42 6.10
C GLY A 99 27.32 16.86 7.31
N ALA A 100 26.68 16.93 8.47
CA ALA A 100 27.35 17.36 9.70
C ALA A 100 28.37 16.31 10.15
N GLU A 101 28.00 15.04 10.07
CA GLU A 101 28.89 13.96 10.47
C GLU A 101 30.22 14.01 9.70
N LEU A 102 30.15 14.30 8.40
CA LEU A 102 31.35 14.39 7.59
C LEU A 102 32.25 15.52 8.12
N LYS A 103 31.63 16.62 8.55
CA LYS A 103 32.39 17.75 9.10
C LYS A 103 32.98 17.38 10.46
N PHE A 104 32.24 16.60 11.24
CA PHE A 104 32.71 16.18 12.55
C PHE A 104 33.92 15.28 12.37
N ALA A 105 33.99 14.58 11.25
CA ALA A 105 35.11 13.71 10.96
C ALA A 105 36.34 14.52 10.54
N GLY A 106 36.12 15.80 10.26
CA GLY A 106 37.22 16.67 9.88
C GLY A 106 37.50 16.88 8.40
N TYR A 107 36.50 16.62 7.55
CA TYR A 107 36.68 16.79 6.12
C TYR A 107 35.59 17.68 5.57
N ASP A 108 35.88 18.38 4.48
CA ASP A 108 34.89 19.24 3.84
C ASP A 108 34.22 18.56 2.68
N ALA A 109 34.95 17.68 1.99
CA ALA A 109 34.41 17.00 0.83
C ALA A 109 35.08 15.66 0.58
N ILE A 110 34.52 14.93 -0.38
CA ILE A 110 35.02 13.63 -0.81
C ILE A 110 34.89 13.66 -2.34
N VAL A 111 36.01 13.44 -3.04
CA VAL A 111 36.04 13.41 -4.50
C VAL A 111 36.26 11.95 -4.90
N VAL A 112 35.25 11.32 -5.49
CA VAL A 112 35.34 9.93 -5.92
C VAL A 112 35.63 9.84 -7.43
N GLU A 113 36.68 9.13 -7.76
CA GLU A 113 37.11 8.95 -9.14
C GLU A 113 37.20 7.47 -9.49
N GLY A 114 37.21 7.19 -10.79
CA GLY A 114 37.34 5.83 -11.25
C GLY A 114 36.12 4.96 -11.03
N LYS A 115 36.38 3.67 -10.89
CA LYS A 115 35.32 2.70 -10.70
C LYS A 115 35.88 1.46 -10.03
N ALA A 116 35.19 0.99 -9.00
CA ALA A 116 35.63 -0.21 -8.29
C ALA A 116 35.31 -1.40 -9.18
N GLU A 117 36.13 -2.44 -9.07
CA GLU A 117 35.94 -3.65 -9.87
C GLU A 117 34.67 -4.37 -9.43
N LYS A 118 34.36 -4.28 -8.15
CA LYS A 118 33.18 -4.89 -7.55
C LYS A 118 32.59 -3.91 -6.53
N PRO A 119 31.33 -4.15 -6.09
CA PRO A 119 30.70 -3.26 -5.12
C PRO A 119 31.49 -3.08 -3.84
N VAL A 120 31.67 -1.82 -3.45
CA VAL A 120 32.38 -1.49 -2.22
C VAL A 120 31.64 -0.32 -1.57
N TYR A 121 31.99 -0.01 -0.32
CA TYR A 121 31.41 1.13 0.37
C TYR A 121 32.57 1.77 1.11
N ILE A 122 32.54 3.09 1.25
CA ILE A 122 33.61 3.79 1.91
C ILE A 122 33.25 4.00 3.38
N TYR A 123 34.19 3.70 4.27
CA TYR A 123 33.99 3.88 5.69
C TYR A 123 34.98 4.90 6.24
N ILE A 124 34.46 5.89 6.95
CA ILE A 124 35.27 6.96 7.53
C ILE A 124 34.93 7.15 9.00
N LYS A 125 35.96 7.18 9.83
CA LYS A 125 35.82 7.38 11.28
C LYS A 125 36.98 8.32 11.64
N ASP A 126 36.71 9.61 11.55
CA ASP A 126 37.72 10.62 11.81
C ASP A 126 38.86 10.38 10.83
N GLU A 127 40.05 10.08 11.34
CA GLU A 127 41.22 9.87 10.48
C GLU A 127 41.22 8.53 9.74
N HIS A 128 40.40 7.60 10.18
CA HIS A 128 40.33 6.29 9.56
C HIS A 128 39.44 6.22 8.32
N ILE A 129 40.06 6.03 7.16
CA ILE A 129 39.36 5.93 5.87
C ILE A 129 39.62 4.53 5.32
N GLU A 130 38.55 3.79 5.03
CA GLU A 130 38.69 2.43 4.56
C GLU A 130 37.67 2.06 3.48
N ILE A 131 38.13 1.39 2.41
CA ILE A 131 37.24 0.97 1.34
C ILE A 131 36.88 -0.49 1.62
N ARG A 132 35.62 -0.75 1.96
CA ARG A 132 35.20 -2.10 2.28
C ARG A 132 34.30 -2.72 1.23
N ASP A 133 34.26 -4.05 1.21
CA ASP A 133 33.44 -4.78 0.25
C ASP A 133 31.95 -4.63 0.56
N ALA A 134 31.16 -4.48 -0.51
CA ALA A 134 29.73 -4.31 -0.39
C ALA A 134 28.98 -5.27 -1.31
N SER A 135 29.65 -6.34 -1.71
CA SER A 135 29.03 -7.32 -2.60
C SER A 135 27.77 -7.94 -2.01
N HIS A 136 27.66 -7.88 -0.69
CA HIS A 136 26.52 -8.44 0.01
C HIS A 136 25.43 -7.41 0.30
N ILE A 137 25.76 -6.12 0.21
CA ILE A 137 24.76 -5.08 0.46
C ILE A 137 24.14 -4.75 -0.90
N TRP A 138 24.94 -4.90 -1.95
CA TRP A 138 24.52 -4.60 -3.31
C TRP A 138 23.21 -5.29 -3.64
N GLY A 139 22.20 -4.49 -3.97
CA GLY A 139 20.89 -5.02 -4.32
C GLY A 139 19.86 -4.73 -3.25
N LYS A 140 20.29 -4.26 -2.10
CA LYS A 140 19.38 -3.97 -0.99
C LYS A 140 18.89 -2.53 -0.97
N LYS A 141 17.71 -2.34 -0.41
CA LYS A 141 17.13 -1.02 -0.31
C LYS A 141 17.87 -0.19 0.71
N VAL A 142 17.64 1.12 0.66
CA VAL A 142 18.28 2.06 1.57
C VAL A 142 18.21 1.67 3.05
N SER A 143 17.03 1.34 3.55
CA SER A 143 16.90 1.00 4.97
C SER A 143 17.74 -0.23 5.33
N GLU A 144 17.68 -1.26 4.51
CA GLU A 144 18.43 -2.50 4.74
C GLU A 144 19.92 -2.21 4.65
N THR A 145 20.33 -1.44 3.64
CA THR A 145 21.73 -1.08 3.45
C THR A 145 22.28 -0.41 4.71
N GLU A 146 21.52 0.53 5.26
CA GLU A 146 21.93 1.25 6.46
C GLU A 146 21.99 0.34 7.69
N ALA A 147 20.99 -0.52 7.86
CA ALA A 147 20.96 -1.43 9.00
C ALA A 147 22.16 -2.36 8.97
N THR A 148 22.46 -2.91 7.80
CA THR A 148 23.59 -3.81 7.61
C THR A 148 24.91 -3.13 7.94
N ILE A 149 25.11 -1.92 7.42
CA ILE A 149 26.36 -1.21 7.66
C ILE A 149 26.56 -0.88 9.14
N ARG A 150 25.48 -0.53 9.84
CA ARG A 150 25.61 -0.21 11.24
C ARG A 150 25.97 -1.45 12.05
N LYS A 151 25.44 -2.59 11.65
CA LYS A 151 25.75 -3.84 12.33
C LYS A 151 27.21 -4.22 12.07
N GLU A 152 27.68 -3.97 10.86
CA GLU A 152 29.05 -4.29 10.50
C GLU A 152 30.10 -3.43 11.19
N VAL A 153 29.95 -2.10 11.10
CA VAL A 153 30.92 -1.22 11.74
C VAL A 153 30.73 -1.17 13.26
N GLY A 154 29.68 -1.86 13.74
CA GLY A 154 29.39 -1.90 15.16
C GLY A 154 29.08 -0.55 15.78
N SER A 155 28.53 0.36 15.00
CA SER A 155 28.21 1.69 15.51
C SER A 155 26.85 2.17 15.01
N GLU A 156 26.01 2.60 15.94
CA GLU A 156 24.70 3.12 15.59
C GLU A 156 24.81 4.60 15.24
N LYS A 157 26.00 5.17 15.46
CA LYS A 157 26.21 6.59 15.20
C LYS A 157 26.60 6.91 13.76
N VAL A 158 27.10 5.93 13.02
CA VAL A 158 27.49 6.19 11.63
C VAL A 158 26.29 6.71 10.85
N LYS A 159 26.52 7.74 10.03
CA LYS A 159 25.48 8.32 9.19
C LYS A 159 25.83 7.80 7.80
N ILE A 160 24.82 7.41 7.04
CA ILE A 160 25.08 6.83 5.72
C ILE A 160 24.41 7.49 4.53
N ALA A 161 25.16 7.59 3.44
CA ALA A 161 24.70 8.12 2.15
C ALA A 161 24.86 6.94 1.21
N SER A 162 23.79 6.53 0.56
CA SER A 162 23.86 5.39 -0.34
C SER A 162 22.88 5.48 -1.51
N ILE A 163 22.98 4.49 -2.38
CA ILE A 163 22.09 4.39 -3.54
C ILE A 163 21.31 3.09 -3.35
N GLY A 164 20.14 3.00 -3.97
CA GLY A 164 19.36 1.80 -3.87
C GLY A 164 19.46 1.07 -5.19
N PRO A 165 18.60 0.07 -5.42
CA PRO A 165 18.59 -0.70 -6.68
C PRO A 165 18.58 0.16 -7.95
N ALA A 166 17.91 1.32 -7.89
CA ALA A 166 17.82 2.23 -9.03
C ALA A 166 19.19 2.76 -9.44
N GLY A 167 20.01 3.12 -8.45
CA GLY A 167 21.34 3.62 -8.74
C GLY A 167 22.20 2.49 -9.28
N GLU A 168 22.12 1.33 -8.66
CA GLU A 168 22.88 0.16 -9.07
C GLU A 168 22.56 -0.23 -10.51
N ASN A 169 21.31 -0.01 -10.90
CA ASN A 169 20.86 -0.33 -12.25
C ASN A 169 20.96 0.80 -13.25
N LEU A 170 21.62 1.88 -12.84
CA LEU A 170 21.84 3.04 -13.69
C LEU A 170 20.58 3.73 -14.23
N VAL A 171 19.54 3.81 -13.40
CA VAL A 171 18.30 4.49 -13.79
C VAL A 171 18.72 5.96 -13.90
N LYS A 172 18.48 6.58 -15.05
CA LYS A 172 18.92 7.96 -15.26
C LYS A 172 18.52 9.01 -14.24
N PHE A 173 17.49 8.72 -13.44
CA PHE A 173 17.07 9.65 -12.41
C PHE A 173 17.16 9.02 -11.02
N ALA A 174 18.18 8.18 -10.83
CA ALA A 174 18.43 7.54 -9.55
C ALA A 174 19.06 8.60 -8.65
N ALA A 175 18.62 8.63 -7.40
CA ALA A 175 19.10 9.62 -6.43
C ALA A 175 20.03 9.02 -5.40
N ILE A 176 20.68 9.89 -4.61
CA ILE A 176 21.54 9.45 -3.53
C ILE A 176 20.73 9.80 -2.27
N MET A 177 20.47 8.80 -1.43
CA MET A 177 19.70 9.01 -0.19
C MET A 177 20.58 8.95 1.04
N ASN A 178 20.22 9.72 2.05
CA ASN A 178 20.97 9.69 3.29
C ASN A 178 19.99 9.81 4.44
N ASP A 179 20.33 9.17 5.56
CA ASP A 179 19.47 9.18 6.73
C ASP A 179 18.07 8.68 6.37
N GLY A 180 18.05 7.66 5.52
CA GLY A 180 16.82 7.03 5.10
C GLY A 180 15.87 7.73 4.16
N HIS A 181 15.55 9.00 4.43
CA HIS A 181 14.58 9.71 3.60
C HIS A 181 15.01 11.10 3.14
N ARG A 182 16.29 11.39 3.27
CA ARG A 182 16.82 12.68 2.84
C ARG A 182 17.45 12.45 1.48
N ALA A 183 17.12 13.30 0.52
CA ALA A 183 17.63 13.10 -0.83
C ALA A 183 18.43 14.17 -1.55
N ALA A 184 19.48 13.69 -2.20
CA ALA A 184 20.33 14.47 -3.09
C ALA A 184 19.64 13.90 -4.33
N GLY A 185 18.45 14.43 -4.61
CA GLY A 185 17.63 13.86 -5.64
C GLY A 185 17.65 13.98 -7.14
N ARG A 186 18.00 15.14 -7.70
CA ARG A 186 17.90 15.28 -9.15
C ARG A 186 19.15 15.25 -10.00
N GLY A 187 18.99 14.82 -11.25
CA GLY A 187 20.12 14.80 -12.17
C GLY A 187 20.80 13.47 -12.43
N GLY A 188 20.43 12.43 -11.68
CA GLY A 188 21.05 11.13 -11.89
C GLY A 188 22.31 10.91 -11.10
N VAL A 189 22.48 11.67 -10.02
CA VAL A 189 23.66 11.56 -9.17
C VAL A 189 23.82 10.13 -8.65
N GLY A 190 22.69 9.46 -8.44
CA GLY A 190 22.72 8.09 -7.96
C GLY A 190 23.21 7.13 -9.02
N ALA A 191 22.99 7.47 -10.29
CA ALA A 191 23.43 6.62 -11.40
C ALA A 191 24.94 6.76 -11.60
N VAL A 192 25.48 7.95 -11.32
CA VAL A 192 26.90 8.17 -11.43
C VAL A 192 27.56 7.33 -10.32
N MET A 193 27.05 7.46 -9.09
CA MET A 193 27.58 6.70 -7.96
C MET A 193 27.56 5.20 -8.25
N GLY A 194 26.42 4.72 -8.76
CA GLY A 194 26.29 3.31 -9.09
C GLY A 194 27.17 2.82 -10.23
N SER A 195 27.54 3.72 -11.14
CA SER A 195 28.40 3.39 -12.27
C SER A 195 29.84 3.18 -11.80
N LYS A 196 30.11 3.56 -10.55
CA LYS A 196 31.43 3.42 -9.96
C LYS A 196 31.48 2.25 -8.99
N ASN A 197 30.40 1.47 -8.96
CA ASN A 197 30.30 0.33 -8.05
C ASN A 197 30.40 0.74 -6.58
N LEU A 198 30.07 2.00 -6.32
CA LEU A 198 30.07 2.55 -4.96
C LEU A 198 28.64 2.48 -4.40
N LYS A 199 28.42 1.59 -3.44
CA LYS A 199 27.12 1.38 -2.80
C LYS A 199 26.79 2.40 -1.70
N ALA A 200 27.77 2.78 -0.89
CA ALA A 200 27.54 3.74 0.18
C ALA A 200 28.79 4.37 0.75
N ILE A 201 28.59 5.39 1.56
CA ILE A 201 29.64 6.11 2.27
C ILE A 201 29.12 6.21 3.70
N ALA A 202 29.85 5.62 4.65
CA ALA A 202 29.45 5.63 6.05
C ALA A 202 30.48 6.47 6.80
N VAL A 203 30.01 7.51 7.47
CA VAL A 203 30.92 8.38 8.18
C VAL A 203 30.55 8.49 9.65
N GLU A 204 31.57 8.73 10.47
CA GLU A 204 31.45 8.89 11.90
C GLU A 204 32.57 9.85 12.29
N GLY A 205 32.21 10.91 13.00
CA GLY A 205 33.19 11.90 13.40
C GLY A 205 33.00 12.32 14.83
N SER A 206 34.03 12.90 15.44
CA SER A 206 33.94 13.30 16.83
C SER A 206 34.49 14.70 17.11
N LYS A 207 34.88 15.40 16.06
CA LYS A 207 35.43 16.72 16.22
C LYS A 207 34.36 17.80 16.24
N THR A 208 34.80 19.04 16.45
CA THR A 208 33.92 20.19 16.48
C THR A 208 34.41 21.12 15.38
N VAL A 209 33.48 21.64 14.58
CA VAL A 209 33.86 22.55 13.51
C VAL A 209 34.37 23.85 14.18
N PRO A 210 35.59 24.29 13.80
CA PRO A 210 36.17 25.52 14.37
C PRO A 210 35.52 26.82 13.91
N ILE A 211 35.02 27.59 14.88
CA ILE A 211 34.37 28.88 14.65
C ILE A 211 35.38 29.98 14.99
N ALA A 212 35.35 31.09 14.25
CA ALA A 212 36.27 32.20 14.49
C ALA A 212 36.04 32.84 15.86
N ASP A 213 34.84 33.38 16.06
CA ASP A 213 34.50 34.02 17.33
C ASP A 213 33.24 33.33 17.89
N LYS A 214 33.46 32.39 18.79
CA LYS A 214 32.38 31.61 19.39
C LYS A 214 31.26 32.36 20.13
N GLN A 215 31.60 33.31 20.99
CA GLN A 215 30.59 34.05 21.73
C GLN A 215 29.84 35.02 20.85
N LYS A 216 30.56 35.60 19.89
CA LYS A 216 29.98 36.52 18.93
C LYS A 216 28.98 35.71 18.09
N PHE A 217 29.45 34.59 17.54
CA PHE A 217 28.64 33.68 16.72
C PHE A 217 27.36 33.27 17.46
N MET A 218 27.48 32.90 18.74
CA MET A 218 26.31 32.51 19.53
C MET A 218 25.23 33.58 19.56
N LEU A 219 25.66 34.84 19.66
CA LEU A 219 24.73 35.95 19.72
C LEU A 219 24.13 36.25 18.34
N VAL A 220 24.93 36.11 17.29
CA VAL A 220 24.43 36.35 15.93
C VAL A 220 23.36 35.29 15.62
N VAL A 221 23.67 34.04 15.97
CA VAL A 221 22.76 32.93 15.76
C VAL A 221 21.44 33.16 16.47
N ARG A 222 21.51 33.58 17.74
CA ARG A 222 20.29 33.86 18.49
C ARG A 222 19.38 34.82 17.73
N GLU A 223 19.96 35.92 17.23
CA GLU A 223 19.20 36.91 16.48
C GLU A 223 18.55 36.33 15.22
N LYS A 224 19.33 35.58 14.44
CA LYS A 224 18.81 34.97 13.23
C LYS A 224 17.69 33.99 13.57
N VAL A 225 17.93 33.15 14.57
CA VAL A 225 16.93 32.17 14.99
C VAL A 225 15.64 32.86 15.36
N ASN A 226 15.75 33.94 16.13
CA ASN A 226 14.56 34.68 16.54
C ASN A 226 13.79 35.25 15.34
N LYS A 227 14.49 35.51 14.24
CA LYS A 227 13.85 36.04 13.02
C LYS A 227 13.02 34.93 12.37
N LEU A 228 13.60 33.73 12.29
CA LEU A 228 12.90 32.61 11.70
C LEU A 228 11.67 32.28 12.52
N ARG A 229 11.83 32.20 13.83
CA ARG A 229 10.71 31.88 14.73
C ARG A 229 9.53 32.85 14.68
N ASN A 230 9.78 34.12 14.39
CA ASN A 230 8.71 35.10 14.31
C ASN A 230 8.07 35.21 12.92
N ASP A 231 8.65 34.51 11.95
CA ASP A 231 8.10 34.52 10.60
C ASP A 231 6.94 33.53 10.53
N PRO A 232 5.82 33.91 9.89
CA PRO A 232 4.66 33.03 9.78
C PRO A 232 4.89 31.74 8.99
N VAL A 233 5.79 31.77 8.02
CA VAL A 233 6.08 30.57 7.25
C VAL A 233 7.04 29.70 8.04
N ALA A 234 8.26 30.21 8.24
CA ALA A 234 9.29 29.48 8.98
C ALA A 234 8.92 29.18 10.44
N GLY A 235 8.00 29.96 10.98
CA GLY A 235 7.59 29.77 12.37
C GLY A 235 6.23 29.11 12.59
N GLY A 236 5.41 28.99 11.56
CA GLY A 236 4.11 28.38 11.73
C GLY A 236 3.75 27.35 10.67
N GLY A 237 3.68 27.80 9.42
CA GLY A 237 3.34 26.93 8.32
C GLY A 237 4.23 25.69 8.16
N LEU A 238 5.52 25.90 7.93
CA LEU A 238 6.43 24.77 7.74
C LEU A 238 6.42 23.73 8.85
N PRO A 239 6.65 24.15 10.10
CA PRO A 239 6.64 23.12 11.15
C PRO A 239 5.32 22.38 11.29
N LYS A 240 4.22 23.08 11.08
CA LYS A 240 2.90 22.48 11.20
C LYS A 240 2.49 21.56 10.05
N TYR A 241 2.65 22.03 8.82
CA TYR A 241 2.19 21.25 7.68
C TYR A 241 3.25 20.76 6.70
N GLY A 242 4.50 21.13 6.93
CA GLY A 242 5.57 20.72 6.04
C GLY A 242 5.50 21.47 4.73
N THR A 243 6.34 21.11 3.78
CA THR A 243 6.33 21.80 2.48
C THR A 243 4.99 21.60 1.76
N ALA A 244 4.25 20.58 2.20
CA ALA A 244 2.96 20.28 1.61
C ALA A 244 1.90 21.38 1.84
N VAL A 245 2.18 22.38 2.69
CA VAL A 245 1.19 23.46 2.87
C VAL A 245 0.93 24.12 1.53
N LEU A 246 1.90 24.07 0.65
CA LEU A 246 1.78 24.68 -0.67
C LEU A 246 0.66 24.16 -1.58
N VAL A 247 0.20 22.92 -1.37
CA VAL A 247 -0.84 22.35 -2.23
C VAL A 247 -2.05 23.28 -2.43
N ASN A 248 -2.73 23.61 -1.34
CA ASN A 248 -3.91 24.47 -1.38
C ASN A 248 -3.62 25.84 -1.97
N ILE A 249 -2.44 26.35 -1.66
CA ILE A 249 -2.02 27.66 -2.14
C ILE A 249 -1.79 27.67 -3.65
N ILE A 250 -0.95 26.76 -4.12
CA ILE A 250 -0.65 26.68 -5.53
C ILE A 250 -1.88 26.33 -6.33
N ASN A 251 -2.76 25.53 -5.74
CA ASN A 251 -3.98 25.13 -6.42
C ASN A 251 -4.97 26.30 -6.59
N GLU A 252 -5.15 27.11 -5.55
CA GLU A 252 -6.06 28.25 -5.67
C GLU A 252 -5.51 29.35 -6.58
N ASN A 253 -4.20 29.40 -6.75
CA ASN A 253 -3.59 30.39 -7.64
C ASN A 253 -3.67 29.91 -9.09
N GLY A 254 -4.16 28.69 -9.27
CA GLY A 254 -4.32 28.15 -10.60
C GLY A 254 -3.08 27.79 -11.39
N LEU A 255 -2.06 27.27 -10.70
CA LEU A 255 -0.85 26.82 -11.39
C LEU A 255 -0.31 25.50 -10.83
N TYR A 256 -1.23 24.65 -10.40
CA TYR A 256 -0.94 23.32 -9.86
C TYR A 256 -1.17 22.40 -11.08
N PRO A 257 -0.09 21.95 -11.72
CA PRO A 257 -0.19 21.09 -12.91
C PRO A 257 -0.95 19.78 -12.72
N VAL A 258 -1.92 19.56 -13.60
CA VAL A 258 -2.75 18.36 -13.58
C VAL A 258 -2.58 17.61 -14.92
N LYS A 259 -2.41 16.29 -14.85
CA LYS A 259 -2.25 15.44 -16.03
C LYS A 259 -1.18 15.89 -17.01
N ASN A 260 0.07 15.86 -16.57
CA ASN A 260 1.19 16.28 -17.39
C ASN A 260 1.02 17.72 -17.92
N PHE A 261 0.69 18.63 -17.00
CA PHE A 261 0.53 20.05 -17.31
C PHE A 261 -0.56 20.43 -18.30
N GLN A 262 -1.61 19.62 -18.42
CA GLN A 262 -2.70 19.95 -19.34
C GLN A 262 -3.54 21.10 -18.80
N THR A 263 -3.65 21.16 -17.48
CA THR A 263 -4.39 22.24 -16.83
C THR A 263 -3.75 22.58 -15.48
N GLY A 264 -4.18 23.68 -14.88
CA GLY A 264 -3.59 24.11 -13.63
C GLY A 264 -4.45 24.11 -12.38
N VAL A 265 -5.61 23.48 -12.43
CA VAL A 265 -6.48 23.43 -11.27
C VAL A 265 -6.94 21.99 -11.04
N TYR A 266 -6.73 21.49 -9.82
CA TYR A 266 -7.11 20.14 -9.42
C TYR A 266 -8.22 20.14 -8.36
N PRO A 267 -9.42 19.67 -8.72
CA PRO A 267 -10.57 19.61 -7.83
C PRO A 267 -10.41 18.87 -6.50
N TYR A 268 -9.58 17.84 -6.45
CA TYR A 268 -9.41 17.10 -5.20
C TYR A 268 -8.09 17.40 -4.49
N ALA A 269 -7.52 18.56 -4.79
CA ALA A 269 -6.26 18.96 -4.21
C ALA A 269 -6.22 18.89 -2.67
N TYR A 270 -7.33 19.23 -2.01
CA TYR A 270 -7.38 19.22 -0.55
C TYR A 270 -7.06 17.88 0.10
N GLU A 271 -7.48 16.79 -0.54
CA GLU A 271 -7.27 15.45 -0.03
C GLU A 271 -5.79 15.07 0.04
N GLN A 272 -4.94 15.80 -0.68
CA GLN A 272 -3.51 15.52 -0.66
C GLN A 272 -2.71 16.72 -0.18
N SER A 273 -3.35 17.60 0.59
CA SER A 273 -2.70 18.80 1.12
C SER A 273 -2.01 18.56 2.46
N GLY A 274 -1.15 19.48 2.87
CA GLY A 274 -0.45 19.36 4.15
C GLY A 274 -1.43 19.32 5.31
N GLU A 275 -2.53 20.03 5.17
CA GLU A 275 -3.55 20.07 6.21
C GLU A 275 -4.22 18.70 6.37
N ALA A 276 -4.64 18.11 5.24
CA ALA A 276 -5.29 16.80 5.25
C ALA A 276 -4.30 15.75 5.75
N MET A 277 -3.06 15.83 5.32
CA MET A 277 -2.03 14.90 5.74
C MET A 277 -1.80 14.99 7.25
N ALA A 278 -1.84 16.22 7.77
CA ALA A 278 -1.65 16.45 9.19
C ALA A 278 -2.79 15.81 9.97
N ALA A 279 -3.99 15.88 9.41
CA ALA A 279 -5.18 15.32 10.04
C ALA A 279 -5.34 13.82 9.88
N LYS A 280 -4.81 13.26 8.80
CA LYS A 280 -4.96 11.83 8.54
C LYS A 280 -3.83 10.89 8.91
N TYR A 281 -2.59 11.24 8.57
CA TYR A 281 -1.46 10.35 8.78
C TYR A 281 -0.27 10.84 9.59
N LEU A 282 -0.15 12.16 9.79
CA LEU A 282 0.98 12.73 10.52
C LEU A 282 1.16 12.28 11.98
N VAL A 283 2.35 11.79 12.29
CA VAL A 283 2.70 11.36 13.64
C VAL A 283 3.37 12.52 14.34
N ARG A 284 4.40 13.08 13.71
CA ARG A 284 5.17 14.20 14.25
C ARG A 284 6.02 14.82 13.16
N ASN A 285 6.64 15.96 13.46
CA ASN A 285 7.51 16.65 12.52
C ASN A 285 8.94 16.35 12.94
N LYS A 286 9.87 16.48 12.01
CA LYS A 286 11.26 16.16 12.27
C LYS A 286 12.22 17.14 11.58
N PRO A 287 13.14 17.75 12.36
CA PRO A 287 14.13 18.71 11.83
C PRO A 287 15.44 18.07 11.43
N CYS A 288 16.14 18.70 10.49
CA CYS A 288 17.45 18.24 10.06
C CYS A 288 18.41 18.81 11.13
N TYR A 289 19.71 18.51 11.00
CA TYR A 289 20.70 18.99 11.96
C TYR A 289 20.68 20.51 12.14
N ALA A 290 20.66 20.95 13.39
CA ALA A 290 20.67 22.37 13.78
C ALA A 290 19.52 23.24 13.24
N CYS A 291 18.42 22.60 12.85
CA CYS A 291 17.28 23.33 12.30
C CYS A 291 16.22 23.69 13.31
N PRO A 292 15.90 24.99 13.42
CA PRO A 292 14.88 25.45 14.35
C PRO A 292 13.49 25.41 13.72
N ILE A 293 13.41 25.03 12.44
CA ILE A 293 12.12 24.97 11.71
C ILE A 293 11.39 23.62 11.78
N GLY A 294 12.09 22.52 11.51
CA GLY A 294 11.50 21.20 11.57
C GLY A 294 10.30 20.96 10.67
N CYS A 295 10.51 21.05 9.36
CA CYS A 295 9.46 20.87 8.39
C CYS A 295 9.29 19.40 7.96
N GLY A 296 10.26 18.55 8.30
CA GLY A 296 10.19 17.15 7.93
C GLY A 296 8.95 16.47 8.48
N ARG A 297 8.33 15.61 7.66
CA ARG A 297 7.13 14.90 8.05
C ARG A 297 7.43 13.46 8.48
N VAL A 298 6.75 13.00 9.52
CA VAL A 298 6.87 11.61 9.95
C VAL A 298 5.43 11.13 9.92
N ASN A 299 5.15 10.23 8.98
CA ASN A 299 3.81 9.66 8.78
C ASN A 299 3.77 8.18 9.10
N ARG A 300 2.55 7.65 9.18
CA ARG A 300 2.37 6.25 9.46
C ARG A 300 1.12 5.76 8.73
N LEU A 301 1.28 4.70 7.96
CA LEU A 301 0.17 4.10 7.22
C LEU A 301 0.05 2.65 7.65
N PRO A 302 -1.17 2.11 7.69
CA PRO A 302 -1.36 0.71 8.09
C PRO A 302 -0.54 -0.23 7.22
N THR A 303 -0.35 0.13 5.95
CA THR A 303 0.40 -0.71 5.03
C THR A 303 1.91 -0.74 5.19
N VAL A 304 2.57 0.39 4.99
CA VAL A 304 4.03 0.42 5.06
C VAL A 304 4.62 0.76 6.42
N GLY A 305 3.78 1.21 7.35
CA GLY A 305 4.28 1.58 8.65
C GLY A 305 4.71 3.03 8.68
N GLU A 306 5.67 3.34 9.54
CA GLU A 306 6.17 4.69 9.68
C GLU A 306 7.12 5.04 8.55
N THR A 307 7.04 6.28 8.08
CA THR A 307 7.88 6.73 7.00
C THR A 307 8.05 8.25 7.12
N GLU A 308 8.91 8.82 6.28
CA GLU A 308 9.12 10.27 6.32
C GLU A 308 8.83 10.85 4.96
N GLY A 309 8.38 12.09 4.94
CA GLY A 309 7.99 12.71 3.69
C GLY A 309 6.52 12.33 3.56
N PRO A 310 5.85 12.62 2.43
CA PRO A 310 6.40 13.30 1.25
C PRO A 310 6.41 14.82 1.33
N GLU A 311 7.30 15.40 0.54
CA GLU A 311 7.42 16.85 0.44
C GLU A 311 6.37 17.24 -0.61
N TYR A 312 6.13 18.53 -0.74
CA TYR A 312 5.17 19.06 -1.70
C TYR A 312 5.36 18.52 -3.13
N GLU A 313 6.56 18.65 -3.64
CA GLU A 313 6.89 18.23 -5.00
C GLU A 313 6.57 16.75 -5.24
N SER A 314 6.79 15.91 -4.23
CA SER A 314 6.54 14.47 -4.32
C SER A 314 5.05 14.18 -4.35
N VAL A 315 4.28 14.87 -3.51
CA VAL A 315 2.83 14.71 -3.46
C VAL A 315 2.26 15.07 -4.84
N TRP A 316 2.79 16.14 -5.44
CA TRP A 316 2.36 16.56 -6.77
C TRP A 316 2.74 15.56 -7.86
N ALA A 317 4.04 15.31 -8.01
CA ALA A 317 4.57 14.42 -9.04
C ALA A 317 3.92 13.05 -9.11
N LEU A 318 3.51 12.54 -7.96
CA LEU A 318 2.88 11.23 -7.92
C LEU A 318 1.36 11.30 -7.71
N GLY A 319 0.85 12.52 -7.54
CA GLY A 319 -0.57 12.71 -7.31
C GLY A 319 -1.27 13.41 -8.44
N ALA A 320 -1.58 14.68 -8.26
CA ALA A 320 -2.28 15.47 -9.28
C ALA A 320 -1.67 15.34 -10.67
N ASN A 321 -0.35 15.26 -10.74
CA ASN A 321 0.38 15.14 -12.00
C ASN A 321 -0.13 13.94 -12.80
N LEU A 322 -0.51 12.88 -12.10
CA LEU A 322 -1.00 11.65 -12.71
C LEU A 322 -2.52 11.53 -12.64
N GLY A 323 -3.18 12.57 -12.14
CA GLY A 323 -4.63 12.53 -11.98
C GLY A 323 -5.06 11.68 -10.79
N ILE A 324 -4.15 11.50 -9.84
CA ILE A 324 -4.39 10.69 -8.63
C ILE A 324 -4.62 11.55 -7.38
N ASN A 325 -5.66 11.22 -6.63
CA ASN A 325 -6.01 11.96 -5.43
C ASN A 325 -5.58 11.29 -4.13
N ASP A 326 -5.51 9.96 -4.16
CA ASP A 326 -5.18 9.13 -2.99
C ASP A 326 -3.87 9.48 -2.27
N LEU A 327 -3.98 10.18 -1.15
CA LEU A 327 -2.78 10.55 -0.38
C LEU A 327 -2.04 9.35 0.21
N ALA A 328 -2.78 8.27 0.51
CA ALA A 328 -2.16 7.08 1.06
C ALA A 328 -1.27 6.39 0.01
N SER A 329 -1.79 6.23 -1.21
CA SER A 329 -1.02 5.62 -2.29
C SER A 329 0.19 6.47 -2.60
N ILE A 330 0.03 7.79 -2.51
CA ILE A 330 1.11 8.74 -2.76
C ILE A 330 2.24 8.58 -1.72
N ILE A 331 1.88 8.49 -0.44
CA ILE A 331 2.86 8.33 0.63
C ILE A 331 3.59 7.00 0.45
N GLU A 332 2.85 5.97 0.00
CA GLU A 332 3.45 4.66 -0.23
C GLU A 332 4.46 4.77 -1.38
N ALA A 333 4.06 5.45 -2.45
CA ALA A 333 4.89 5.64 -3.63
C ALA A 333 6.15 6.41 -3.27
N ASN A 334 5.99 7.47 -2.47
CA ASN A 334 7.13 8.28 -2.02
C ASN A 334 8.08 7.37 -1.22
N HIS A 335 7.51 6.59 -0.32
CA HIS A 335 8.28 5.66 0.49
C HIS A 335 9.13 4.72 -0.36
N MET A 336 8.55 4.16 -1.42
CA MET A 336 9.28 3.25 -2.29
C MET A 336 10.36 3.95 -3.13
N CYS A 337 10.16 5.23 -3.43
CA CYS A 337 11.17 5.97 -4.20
C CYS A 337 12.38 6.20 -3.31
N ASP A 338 12.12 6.48 -2.04
CA ASP A 338 13.19 6.68 -1.06
C ASP A 338 13.96 5.37 -0.85
N GLU A 339 13.22 4.28 -0.72
CA GLU A 339 13.83 2.97 -0.50
C GLU A 339 14.62 2.46 -1.69
N LEU A 340 14.06 2.62 -2.88
CA LEU A 340 14.69 2.17 -4.11
C LEU A 340 15.72 3.14 -4.66
N GLY A 341 15.72 4.36 -4.13
CA GLY A 341 16.68 5.38 -4.56
C GLY A 341 16.32 6.06 -5.87
N LEU A 342 15.10 6.55 -5.97
CA LEU A 342 14.62 7.21 -7.18
C LEU A 342 14.16 8.61 -6.86
N ASP A 343 14.44 9.54 -7.77
CA ASP A 343 13.99 10.91 -7.60
C ASP A 343 12.46 10.90 -7.80
N THR A 344 11.71 11.43 -6.83
CA THR A 344 10.25 11.45 -6.94
C THR A 344 9.74 12.28 -8.13
N ILE A 345 10.38 13.41 -8.40
CA ILE A 345 9.95 14.28 -9.49
C ILE A 345 10.16 13.68 -10.87
N SER A 346 11.36 13.21 -11.17
CA SER A 346 11.57 12.60 -12.48
C SER A 346 10.77 11.30 -12.58
N THR A 347 10.50 10.64 -11.44
CA THR A 347 9.69 9.44 -11.48
C THR A 347 8.27 9.79 -11.91
N GLY A 348 7.66 10.77 -11.24
CA GLY A 348 6.30 11.20 -11.57
C GLY A 348 6.19 11.78 -12.98
N GLY A 349 7.19 12.53 -13.39
CA GLY A 349 7.20 13.14 -14.72
C GLY A 349 7.28 12.11 -15.84
N THR A 350 8.09 11.07 -15.63
CA THR A 350 8.24 10.02 -16.62
C THR A 350 6.93 9.24 -16.71
N LEU A 351 6.31 8.99 -15.57
CA LEU A 351 5.04 8.26 -15.55
C LEU A 351 3.96 9.08 -16.25
N ALA A 352 4.00 10.39 -16.07
CA ALA A 352 3.02 11.28 -16.69
C ALA A 352 3.21 11.29 -18.21
N THR A 353 4.45 11.26 -18.68
CA THR A 353 4.73 11.23 -20.11
C THR A 353 4.07 9.97 -20.67
N ALA A 354 4.21 8.87 -19.94
CA ALA A 354 3.66 7.57 -20.33
C ALA A 354 2.13 7.63 -20.44
N MET A 355 1.50 8.27 -19.46
CA MET A 355 0.05 8.40 -19.45
C MET A 355 -0.46 9.26 -20.61
N GLU A 356 0.27 10.28 -21.02
CA GLU A 356 -0.18 11.08 -22.14
C GLU A 356 0.10 10.35 -23.47
N LEU A 357 1.21 9.61 -23.53
CA LEU A 357 1.52 8.86 -24.74
C LEU A 357 0.45 7.77 -24.90
N TYR A 358 0.04 7.20 -23.77
CA TYR A 358 -0.98 6.16 -23.75
C TYR A 358 -2.33 6.74 -24.18
N GLU A 359 -2.70 7.87 -23.58
CA GLU A 359 -3.96 8.55 -23.91
C GLU A 359 -4.03 8.88 -25.40
N LYS A 360 -2.93 9.33 -25.98
CA LYS A 360 -2.89 9.68 -27.38
C LYS A 360 -2.62 8.51 -28.30
N GLY A 361 -2.79 7.30 -27.77
CA GLY A 361 -2.60 6.08 -28.54
C GLY A 361 -1.21 5.71 -29.00
N HIS A 362 -0.18 6.32 -28.45
CA HIS A 362 1.19 5.99 -28.85
C HIS A 362 1.69 4.75 -28.14
N ILE A 363 1.24 4.54 -26.91
CA ILE A 363 1.62 3.35 -26.17
C ILE A 363 0.33 2.52 -26.21
N LYS A 364 0.43 1.32 -26.75
CA LYS A 364 -0.75 0.47 -26.86
C LYS A 364 -0.71 -0.66 -25.86
N ASP A 365 -1.88 -1.11 -25.45
CA ASP A 365 -2.00 -2.19 -24.48
C ASP A 365 -1.25 -3.43 -24.90
N GLU A 366 -1.26 -3.69 -26.20
CA GLU A 366 -0.59 -4.85 -26.74
C GLU A 366 0.87 -4.86 -26.28
N GLU A 367 1.38 -3.67 -26.00
CA GLU A 367 2.76 -3.51 -25.58
C GLU A 367 2.97 -3.70 -24.08
N LEU A 368 1.92 -3.41 -23.32
CA LEU A 368 1.98 -3.53 -21.86
C LEU A 368 1.75 -4.95 -21.36
N GLY A 369 0.88 -5.69 -22.05
CA GLY A 369 0.59 -7.06 -21.64
C GLY A 369 -0.43 -7.05 -20.52
N ASP A 370 -0.10 -7.68 -19.39
CA ASP A 370 -1.02 -7.69 -18.26
C ASP A 370 -0.69 -6.62 -17.24
N ALA A 371 0.34 -5.84 -17.52
CA ALA A 371 0.78 -4.76 -16.65
C ALA A 371 -0.28 -3.65 -16.68
N PRO A 372 -0.48 -2.96 -15.55
CA PRO A 372 -1.47 -1.88 -15.43
C PRO A 372 -1.41 -0.84 -16.56
N PRO A 373 -2.57 -0.53 -17.18
CA PRO A 373 -2.61 0.45 -18.26
C PRO A 373 -2.29 1.85 -17.71
N PHE A 374 -1.59 2.66 -18.49
CA PHE A 374 -1.24 4.03 -18.08
C PHE A 374 -2.41 4.99 -18.27
N ARG A 375 -3.50 4.71 -17.57
CA ARG A 375 -4.72 5.49 -17.63
C ARG A 375 -4.67 6.53 -16.52
N TRP A 376 -5.05 7.78 -16.82
CA TRP A 376 -5.00 8.83 -15.80
C TRP A 376 -5.80 8.40 -14.57
N GLY A 377 -5.23 8.57 -13.39
CA GLY A 377 -5.91 8.21 -12.16
C GLY A 377 -5.80 6.77 -11.70
N ASN A 378 -5.11 5.94 -12.46
CA ASN A 378 -4.98 4.54 -12.07
C ASN A 378 -3.90 4.37 -11.00
N THR A 379 -4.33 4.26 -9.74
CA THR A 379 -3.41 4.09 -8.63
C THR A 379 -2.55 2.82 -8.73
N GLU A 380 -3.00 1.83 -9.50
CA GLU A 380 -2.19 0.62 -9.64
C GLU A 380 -0.84 0.92 -10.29
N VAL A 381 -0.76 2.00 -11.06
CA VAL A 381 0.48 2.41 -11.70
C VAL A 381 1.56 2.69 -10.64
N LEU A 382 1.17 3.37 -9.56
CA LEU A 382 2.08 3.68 -8.46
C LEU A 382 2.55 2.42 -7.74
N HIS A 383 1.62 1.51 -7.49
CA HIS A 383 1.91 0.27 -6.78
C HIS A 383 2.77 -0.71 -7.56
N TYR A 384 2.55 -0.76 -8.87
CA TYR A 384 3.25 -1.68 -9.74
C TYR A 384 4.54 -1.23 -10.41
N TYR A 385 4.51 -0.09 -11.11
CA TYR A 385 5.68 0.34 -11.86
C TYR A 385 6.94 0.86 -11.20
N ILE A 386 6.80 1.50 -10.05
CA ILE A 386 7.96 2.07 -9.36
C ILE A 386 9.07 1.03 -9.16
N GLU A 387 8.74 -0.13 -8.61
CA GLU A 387 9.76 -1.16 -8.42
C GLU A 387 10.35 -1.62 -9.76
N LYS A 388 9.50 -1.72 -10.78
CA LYS A 388 9.92 -2.14 -12.12
C LYS A 388 10.94 -1.18 -12.73
N ILE A 389 10.76 0.12 -12.49
CA ILE A 389 11.68 1.12 -13.01
C ILE A 389 13.04 0.89 -12.37
N ALA A 390 13.04 0.73 -11.05
CA ALA A 390 14.25 0.51 -10.27
C ALA A 390 15.02 -0.73 -10.68
N LYS A 391 14.30 -1.82 -10.95
CA LYS A 391 14.92 -3.09 -11.33
C LYS A 391 15.13 -3.18 -12.84
N ARG A 392 14.70 -2.15 -13.57
CA ARG A 392 14.77 -2.13 -15.02
C ARG A 392 14.12 -3.40 -15.59
N GLU A 393 12.94 -3.71 -15.09
CA GLU A 393 12.19 -4.89 -15.52
C GLU A 393 11.02 -4.53 -16.42
N GLY A 394 10.83 -5.31 -17.48
CA GLY A 394 9.73 -5.08 -18.40
C GLY A 394 9.67 -3.68 -18.94
N PHE A 395 8.50 -3.06 -18.89
CA PHE A 395 8.35 -1.70 -19.40
C PHE A 395 9.19 -0.74 -18.56
N GLY A 396 9.54 -1.16 -17.35
CA GLY A 396 10.34 -0.34 -16.46
C GLY A 396 11.70 0.00 -17.06
N ASP A 397 12.17 -0.83 -17.97
CA ASP A 397 13.46 -0.59 -18.61
C ASP A 397 13.36 0.64 -19.52
N LYS A 398 12.21 0.85 -20.14
CA LYS A 398 12.02 2.00 -21.02
C LYS A 398 11.79 3.24 -20.17
N LEU A 399 11.06 3.07 -19.06
CA LEU A 399 10.78 4.17 -18.16
C LEU A 399 12.03 4.67 -17.45
N ALA A 400 13.01 3.79 -17.29
CA ALA A 400 14.26 4.14 -16.62
C ALA A 400 15.14 5.17 -17.36
N GLU A 401 14.80 5.47 -18.61
CA GLU A 401 15.55 6.45 -19.41
C GLU A 401 15.06 7.88 -19.20
N GLY A 402 13.92 8.02 -18.52
CA GLY A 402 13.36 9.33 -18.28
C GLY A 402 12.32 9.76 -19.31
N SER A 403 11.59 10.82 -18.97
CA SER A 403 10.54 11.38 -19.82
C SER A 403 10.93 11.72 -21.26
N TYR A 404 12.01 12.47 -21.43
CA TYR A 404 12.43 12.85 -22.75
C TYR A 404 12.77 11.68 -23.68
N ARG A 405 13.68 10.82 -23.24
CA ARG A 405 14.08 9.66 -24.04
C ARG A 405 12.90 8.76 -24.36
N LEU A 406 11.98 8.62 -23.42
CA LEU A 406 10.77 7.79 -23.63
C LEU A 406 9.89 8.40 -24.71
N ALA A 407 9.60 9.70 -24.59
CA ALA A 407 8.75 10.40 -25.55
C ALA A 407 9.40 10.41 -26.93
N GLU A 408 10.72 10.61 -26.94
CA GLU A 408 11.51 10.63 -28.16
C GLU A 408 11.44 9.30 -28.92
N SER A 409 11.47 8.19 -28.19
CA SER A 409 11.43 6.86 -28.81
C SER A 409 10.10 6.54 -29.46
N TYR A 410 9.04 7.28 -29.13
CA TYR A 410 7.73 7.09 -29.75
C TYR A 410 7.49 8.15 -30.81
N GLY A 411 8.52 8.96 -31.08
CA GLY A 411 8.42 10.01 -32.07
C GLY A 411 7.60 11.21 -31.61
N HIS A 412 7.54 11.43 -30.29
CA HIS A 412 6.77 12.56 -29.75
C HIS A 412 7.41 13.28 -28.56
N PRO A 413 8.55 13.96 -28.79
CA PRO A 413 9.29 14.69 -27.76
C PRO A 413 8.48 15.85 -27.18
N GLU A 414 7.51 16.33 -27.94
CA GLU A 414 6.69 17.44 -27.51
C GLU A 414 5.77 17.09 -26.37
N LEU A 415 5.59 15.79 -26.12
CA LEU A 415 4.75 15.36 -25.01
C LEU A 415 5.56 15.30 -23.72
N SER A 416 6.87 15.53 -23.83
CA SER A 416 7.78 15.53 -22.68
C SER A 416 7.95 16.93 -22.07
N MET A 417 7.40 17.13 -20.88
CA MET A 417 7.50 18.40 -20.19
C MET A 417 8.85 18.46 -19.46
N THR A 418 9.90 18.67 -20.25
CA THR A 418 11.27 18.74 -19.73
C THR A 418 12.00 19.94 -20.29
N VAL A 419 13.04 20.37 -19.58
CA VAL A 419 13.92 21.45 -20.03
C VAL A 419 15.31 20.88 -19.80
N LYS A 420 16.05 20.72 -20.90
CA LYS A 420 17.40 20.11 -20.90
C LYS A 420 17.28 18.67 -20.39
N LYS A 421 16.14 18.07 -20.70
CA LYS A 421 15.78 16.70 -20.33
C LYS A 421 15.47 16.47 -18.85
N LEU A 422 15.38 17.53 -18.06
CA LEU A 422 15.05 17.37 -16.65
C LEU A 422 13.56 17.65 -16.52
N GLU A 423 12.85 16.69 -15.93
CA GLU A 423 11.41 16.77 -15.73
C GLU A 423 11.02 18.00 -14.89
N LEU A 424 10.02 18.76 -15.38
CA LEU A 424 9.54 19.96 -14.71
C LEU A 424 8.84 19.66 -13.39
N PRO A 425 8.94 20.60 -12.40
CA PRO A 425 8.36 20.52 -11.06
C PRO A 425 6.91 21.01 -10.96
N ALA A 426 6.42 21.00 -9.73
CA ALA A 426 5.05 21.36 -9.37
C ALA A 426 4.54 22.81 -9.53
N TYR A 427 4.89 23.49 -10.62
CA TYR A 427 4.43 24.85 -10.82
C TYR A 427 4.32 25.10 -12.30
N ASP A 428 3.14 25.46 -12.77
CA ASP A 428 2.94 25.74 -14.18
C ASP A 428 3.45 27.17 -14.43
N PRO A 429 4.46 27.32 -15.30
CA PRO A 429 5.05 28.64 -15.62
C PRO A 429 4.10 29.67 -16.23
N ARG A 430 2.98 29.21 -16.80
CA ARG A 430 1.97 30.12 -17.39
C ARG A 430 1.28 30.94 -16.29
N GLY A 431 1.50 30.54 -15.03
CA GLY A 431 0.95 31.25 -13.90
C GLY A 431 2.04 31.97 -13.11
N ALA A 432 3.28 31.90 -13.59
CA ALA A 432 4.42 32.54 -12.95
C ALA A 432 5.50 32.61 -14.02
N GLU A 433 5.43 33.66 -14.84
CA GLU A 433 6.35 33.87 -15.95
C GLU A 433 7.82 34.01 -15.62
N GLY A 434 8.13 34.70 -14.53
CA GLY A 434 9.52 34.82 -14.12
C GLY A 434 10.05 33.44 -13.74
N HIS A 435 9.20 32.64 -13.10
CA HIS A 435 9.57 31.27 -12.71
C HIS A 435 9.88 30.49 -14.00
N GLY A 436 9.13 30.80 -15.06
CA GLY A 436 9.32 30.18 -16.36
C GLY A 436 10.72 30.45 -16.88
N LEU A 437 11.16 31.71 -16.79
CA LEU A 437 12.51 32.08 -17.23
C LEU A 437 13.49 31.26 -16.38
N GLY A 438 13.11 31.03 -15.12
CA GLY A 438 13.94 30.26 -14.19
C GLY A 438 14.16 28.86 -14.72
N TYR A 439 13.08 28.20 -15.16
CA TYR A 439 13.16 26.86 -15.72
C TYR A 439 14.10 26.84 -16.93
N ALA A 440 13.88 27.79 -17.85
CA ALA A 440 14.65 27.91 -19.08
C ALA A 440 16.13 28.14 -18.88
N THR A 441 16.49 28.92 -17.85
CA THR A 441 17.89 29.26 -17.59
C THR A 441 18.65 28.52 -16.47
N ASN A 442 17.93 27.82 -15.59
CA ASN A 442 18.56 27.07 -14.50
C ASN A 442 19.68 26.19 -15.06
N ASN A 443 20.88 26.29 -14.50
CA ASN A 443 22.05 25.51 -14.95
C ASN A 443 21.92 23.97 -14.95
N ARG A 444 21.00 23.43 -14.14
CA ARG A 444 20.84 21.97 -14.08
C ARG A 444 19.65 21.46 -14.88
N GLY A 445 18.92 22.36 -15.55
CA GLY A 445 17.75 21.96 -16.31
C GLY A 445 16.46 22.51 -15.73
N GLY A 446 15.32 21.99 -16.19
CA GLY A 446 14.04 22.47 -15.71
C GLY A 446 13.85 22.20 -14.23
N CYS A 447 14.35 23.10 -13.40
CA CYS A 447 14.28 22.95 -11.96
C CYS A 447 13.78 24.24 -11.33
N HIS A 448 13.14 24.11 -10.17
CA HIS A 448 12.57 25.26 -9.47
C HIS A 448 13.35 25.82 -8.29
N ILE A 449 13.95 24.97 -7.43
CA ILE A 449 14.65 25.49 -6.25
C ILE A 449 15.99 26.17 -6.40
N LYS A 450 16.66 26.05 -7.54
CA LYS A 450 17.93 26.76 -7.67
C LYS A 450 17.66 28.22 -8.05
N ASN A 451 16.39 28.55 -8.29
CA ASN A 451 15.92 29.91 -8.61
C ASN A 451 14.41 29.94 -8.39
N TYR A 452 14.04 29.90 -7.11
CA TYR A 452 12.66 29.85 -6.67
C TYR A 452 11.86 31.15 -6.80
N MET A 453 11.48 31.48 -8.02
CA MET A 453 10.69 32.70 -8.27
C MET A 453 9.26 32.67 -7.73
N ILE A 454 8.82 31.52 -7.24
CA ILE A 454 7.49 31.37 -6.66
C ILE A 454 7.41 32.20 -5.36
N SER A 455 8.54 32.38 -4.69
CA SER A 455 8.55 33.18 -3.47
C SER A 455 8.07 34.61 -3.76
N PRO A 456 8.74 35.33 -4.67
CA PRO A 456 8.24 36.69 -4.90
C PRO A 456 6.95 36.74 -5.70
N GLU A 457 6.82 35.90 -6.72
CA GLU A 457 5.63 35.90 -7.57
C GLU A 457 4.32 35.40 -6.97
N ILE A 458 4.37 34.48 -6.04
CA ILE A 458 3.15 33.96 -5.43
C ILE A 458 3.08 34.13 -3.91
N LEU A 459 4.19 33.90 -3.20
CA LEU A 459 4.19 33.99 -1.75
C LEU A 459 4.46 35.34 -1.09
N GLY A 460 5.12 36.23 -1.82
CA GLY A 460 5.41 37.54 -1.28
C GLY A 460 6.74 37.68 -0.54
N TYR A 461 7.73 36.85 -0.89
CA TYR A 461 9.06 36.89 -0.29
C TYR A 461 10.07 37.07 -1.43
N PRO A 462 10.91 38.13 -1.39
CA PRO A 462 11.10 39.23 -0.43
C PRO A 462 9.86 40.10 -0.28
N TYR A 463 9.11 40.21 -1.37
CA TYR A 463 7.89 40.98 -1.39
C TYR A 463 7.13 40.56 -2.64
N LYS A 464 5.82 40.74 -2.62
CA LYS A 464 4.96 40.35 -3.72
C LYS A 464 5.21 41.08 -5.03
N MET A 465 5.47 40.31 -6.08
CA MET A 465 5.67 40.84 -7.43
C MET A 465 4.52 40.26 -8.23
N ASP A 466 4.24 40.83 -9.41
CA ASP A 466 3.15 40.30 -10.22
C ASP A 466 3.68 39.14 -11.04
N PRO A 467 2.98 37.99 -11.02
CA PRO A 467 3.41 36.82 -11.78
C PRO A 467 3.44 37.03 -13.29
N HIS A 468 2.77 38.06 -13.77
CA HIS A 468 2.76 38.33 -15.20
C HIS A 468 3.54 39.57 -15.57
N ASP A 469 4.35 40.03 -14.64
CA ASP A 469 5.20 41.19 -14.87
C ASP A 469 6.47 40.59 -15.49
N VAL A 470 6.73 40.93 -16.75
CA VAL A 470 7.91 40.41 -17.44
C VAL A 470 8.98 41.47 -17.75
N SER A 471 9.00 42.55 -16.96
CA SER A 471 9.96 43.63 -17.14
C SER A 471 11.34 43.28 -16.62
N ASP A 472 12.24 44.23 -16.74
CA ASP A 472 13.61 44.06 -16.28
C ASP A 472 13.68 43.83 -14.79
N ASP A 473 12.72 44.37 -14.05
CA ASP A 473 12.74 44.18 -12.60
C ASP A 473 12.48 42.72 -12.27
N LYS A 474 11.60 42.09 -13.03
CA LYS A 474 11.31 40.68 -12.80
C LYS A 474 12.58 39.91 -13.11
N ILE A 475 13.23 40.24 -14.21
CA ILE A 475 14.45 39.56 -14.61
C ILE A 475 15.57 39.74 -13.58
N LYS A 476 15.60 40.89 -12.91
CA LYS A 476 16.62 41.16 -11.89
C LYS A 476 16.39 40.31 -10.64
N MET A 477 15.12 40.03 -10.32
CA MET A 477 14.79 39.19 -9.18
C MET A 477 15.33 37.78 -9.40
N LEU A 478 15.18 37.29 -10.63
CA LEU A 478 15.63 35.95 -10.97
C LEU A 478 17.13 35.80 -10.77
N ILE A 479 17.91 36.72 -11.36
CA ILE A 479 19.35 36.71 -11.26
C ILE A 479 19.75 36.78 -9.79
N LEU A 480 19.09 37.65 -9.03
CA LEU A 480 19.36 37.79 -7.60
C LEU A 480 19.15 36.43 -6.94
N PHE A 481 18.03 35.79 -7.23
CA PHE A 481 17.71 34.49 -6.66
C PHE A 481 18.70 33.42 -7.07
N GLN A 482 19.16 33.48 -8.31
CA GLN A 482 20.12 32.50 -8.81
C GLN A 482 21.44 32.62 -8.09
N ASP A 483 21.94 33.84 -7.93
CA ASP A 483 23.20 34.12 -7.23
C ASP A 483 23.12 33.86 -5.71
N LEU A 484 22.05 34.34 -5.07
CA LEU A 484 21.87 34.16 -3.63
C LEU A 484 21.74 32.70 -3.27
N THR A 485 21.05 31.94 -4.10
CA THR A 485 20.87 30.52 -3.84
C THR A 485 22.20 29.78 -4.01
N ALA A 486 23.08 30.28 -4.88
CA ALA A 486 24.39 29.66 -5.07
C ALA A 486 25.20 29.90 -3.79
N LEU A 487 25.00 31.07 -3.19
CA LEU A 487 25.67 31.44 -1.93
C LEU A 487 25.18 30.52 -0.79
N ILE A 488 23.88 30.53 -0.55
CA ILE A 488 23.26 29.71 0.50
C ILE A 488 23.63 28.23 0.36
N ASP A 489 23.64 27.72 -0.87
CA ASP A 489 23.99 26.32 -1.14
C ASP A 489 25.44 26.08 -0.71
N SER A 490 26.32 27.00 -1.09
CA SER A 490 27.73 26.93 -0.77
C SER A 490 28.01 27.05 0.72
N ALA A 491 27.21 27.87 1.41
CA ALA A 491 27.34 28.10 2.85
C ALA A 491 27.03 26.87 3.69
N GLY A 492 26.12 26.02 3.22
CA GLY A 492 25.75 24.83 3.98
C GLY A 492 24.44 24.98 4.74
N LEU A 493 23.70 26.01 4.37
CA LEU A 493 22.40 26.33 4.94
C LEU A 493 21.27 25.81 4.04
N CYS A 494 20.04 25.88 4.56
CA CYS A 494 18.81 25.42 3.90
C CYS A 494 18.16 26.65 3.31
N LEU A 495 17.56 26.48 2.13
CA LEU A 495 16.92 27.58 1.44
C LEU A 495 15.70 28.13 2.19
N PHE A 496 15.12 27.34 3.09
CA PHE A 496 13.93 27.80 3.82
C PHE A 496 14.18 28.93 4.83
N THR A 497 15.45 29.22 5.12
CA THR A 497 15.78 30.30 6.03
C THR A 497 15.44 31.61 5.32
N THR A 498 15.22 31.57 4.00
CA THR A 498 14.86 32.77 3.26
C THR A 498 13.48 33.28 3.67
N PHE A 499 12.73 32.48 4.43
CA PHE A 499 11.42 32.92 4.94
C PHE A 499 11.69 33.57 6.30
N GLY A 500 12.35 34.72 6.27
CA GLY A 500 12.68 35.43 7.50
C GLY A 500 14.05 36.10 7.39
N LEU A 501 15.00 35.44 6.74
CA LEU A 501 16.35 35.99 6.58
C LEU A 501 16.63 36.50 5.16
N GLY A 502 17.59 37.41 5.06
CA GLY A 502 17.95 37.98 3.77
C GLY A 502 19.45 38.00 3.62
N ALA A 503 19.92 38.49 2.48
CA ALA A 503 21.35 38.57 2.16
C ALA A 503 22.26 39.10 3.27
N ASP A 504 21.83 40.15 3.97
CA ASP A 504 22.59 40.76 5.05
C ASP A 504 22.78 39.78 6.22
N ASP A 505 21.76 38.99 6.52
CA ASP A 505 21.81 38.04 7.62
C ASP A 505 22.79 36.90 7.37
N TYR A 506 22.98 36.55 6.09
CA TYR A 506 23.91 35.49 5.72
C TYR A 506 25.33 36.03 5.85
N ARG A 507 25.48 37.32 5.55
CA ARG A 507 26.76 38.00 5.65
C ARG A 507 27.16 38.02 7.13
N ASP A 508 26.20 38.32 8.01
CA ASP A 508 26.44 38.34 9.45
C ASP A 508 26.86 36.95 9.92
N LEU A 509 26.09 35.94 9.56
CA LEU A 509 26.40 34.58 9.96
C LEU A 509 27.75 34.12 9.44
N LEU A 510 28.04 34.43 8.19
CA LEU A 510 29.30 34.03 7.56
C LEU A 510 30.52 34.78 8.09
N ASN A 511 30.37 36.07 8.37
CA ASN A 511 31.49 36.85 8.89
C ASN A 511 31.85 36.41 10.33
N ALA A 512 30.86 36.20 11.20
CA ALA A 512 31.13 35.77 12.58
C ALA A 512 31.77 34.38 12.69
N ALA A 513 31.40 33.46 11.82
CA ALA A 513 31.97 32.12 11.83
C ALA A 513 33.34 31.98 11.13
N LEU A 514 33.51 32.62 9.98
CA LEU A 514 34.75 32.54 9.20
C LEU A 514 35.88 33.49 9.57
N GLY A 515 35.51 34.64 10.16
CA GLY A 515 36.48 35.65 10.54
C GLY A 515 36.77 36.61 9.41
N TRP A 516 35.80 36.84 8.54
CA TRP A 516 35.97 37.73 7.41
C TRP A 516 35.25 39.04 7.64
N ASP A 517 35.52 40.02 6.77
CA ASP A 517 34.89 41.34 6.87
C ASP A 517 34.20 41.66 5.54
N PHE A 518 33.79 40.62 4.83
CA PHE A 518 33.11 40.77 3.54
C PHE A 518 31.81 41.55 3.68
N THR A 519 31.42 42.18 2.59
CA THR A 519 30.17 42.93 2.53
C THR A 519 29.15 41.99 1.91
N THR A 520 27.88 42.37 1.94
CA THR A 520 26.84 41.55 1.34
C THR A 520 27.15 41.39 -0.15
N GLU A 521 27.64 42.47 -0.75
CA GLU A 521 27.99 42.49 -2.17
C GLU A 521 29.13 41.53 -2.49
N ASP A 522 30.07 41.38 -1.55
CA ASP A 522 31.21 40.49 -1.73
C ASP A 522 30.72 39.06 -1.81
N TYR A 523 29.81 38.73 -0.90
CA TYR A 523 29.21 37.42 -0.84
C TYR A 523 28.34 37.14 -2.07
N LEU A 524 27.50 38.10 -2.45
CA LEU A 524 26.65 37.92 -3.63
C LEU A 524 27.46 37.70 -4.91
N LYS A 525 28.68 38.24 -4.95
CA LYS A 525 29.54 38.08 -6.10
C LYS A 525 30.12 36.67 -6.18
N ILE A 526 30.27 36.02 -5.02
CA ILE A 526 30.77 34.64 -4.97
C ILE A 526 29.66 33.80 -5.64
N GLY A 527 28.41 34.14 -5.33
CA GLY A 527 27.27 33.45 -5.91
C GLY A 527 27.27 33.62 -7.41
N GLU A 528 27.55 34.84 -7.87
CA GLU A 528 27.62 35.12 -9.30
C GLU A 528 28.74 34.34 -9.99
N ARG A 529 29.89 34.29 -9.32
CA ARG A 529 31.05 33.57 -9.83
C ARG A 529 30.68 32.11 -10.06
N ILE A 530 30.05 31.52 -9.06
CA ILE A 530 29.62 30.12 -9.14
C ILE A 530 28.64 29.93 -10.30
N TRP A 531 27.69 30.85 -10.45
CA TRP A 531 26.71 30.73 -11.53
C TRP A 531 27.36 30.76 -12.92
N ASN A 532 28.30 31.69 -13.14
CA ASN A 532 28.97 31.77 -14.43
C ASN A 532 29.84 30.56 -14.68
N ALA A 533 30.48 30.07 -13.62
CA ALA A 533 31.34 28.88 -13.70
C ALA A 533 30.54 27.69 -14.21
N GLU A 534 29.37 27.49 -13.60
CA GLU A 534 28.48 26.41 -14.01
C GLU A 534 28.04 26.61 -15.46
N ARG A 535 27.67 27.82 -15.84
CA ARG A 535 27.27 28.13 -17.21
C ARG A 535 28.42 27.77 -18.16
N LEU A 536 29.63 28.21 -17.80
CA LEU A 536 30.82 27.94 -18.59
C LEU A 536 31.05 26.45 -18.76
N PHE A 537 30.88 25.69 -17.68
CA PHE A 537 31.04 24.24 -17.75
C PHE A 537 30.05 23.65 -18.78
N ASN A 538 28.80 24.10 -18.74
CA ASN A 538 27.78 23.62 -19.68
C ASN A 538 28.14 23.96 -21.13
N LEU A 539 28.64 25.17 -21.37
CA LEU A 539 29.04 25.60 -22.72
C LEU A 539 30.14 24.66 -23.25
N LYS A 540 31.10 24.35 -22.38
CA LYS A 540 32.18 23.43 -22.74
C LYS A 540 31.64 22.02 -22.94
N ALA A 541 30.59 21.66 -22.20
CA ALA A 541 29.98 20.34 -22.32
C ALA A 541 29.10 20.28 -23.56
N GLY A 542 28.85 21.43 -24.18
CA GLY A 542 28.06 21.47 -25.39
C GLY A 542 26.74 22.21 -25.35
N LEU A 543 26.49 23.00 -24.32
CA LEU A 543 25.25 23.75 -24.23
C LEU A 543 25.09 24.66 -25.45
N ASP A 544 23.90 24.64 -26.05
CA ASP A 544 23.57 25.47 -27.20
C ASP A 544 22.41 26.32 -26.68
N PRO A 545 22.69 27.56 -26.27
CA PRO A 545 21.67 28.48 -25.74
C PRO A 545 20.34 28.52 -26.48
N ALA A 546 20.39 28.88 -27.76
CA ALA A 546 19.21 28.98 -28.59
C ALA A 546 18.30 27.76 -28.52
N ARG A 547 18.93 26.60 -28.47
CA ARG A 547 18.24 25.33 -28.44
C ARG A 547 17.88 24.81 -27.04
N ASP A 548 18.78 25.02 -26.08
CA ASP A 548 18.60 24.50 -24.72
C ASP A 548 17.91 25.40 -23.71
N ASP A 549 17.98 26.71 -23.91
CA ASP A 549 17.34 27.63 -22.98
C ASP A 549 15.94 27.97 -23.48
N THR A 550 15.01 27.05 -23.26
CA THR A 550 13.61 27.23 -23.67
C THR A 550 12.70 26.46 -22.74
N LEU A 551 11.44 26.37 -23.15
CA LEU A 551 10.37 25.68 -22.43
C LEU A 551 9.62 24.86 -23.48
N PRO A 552 8.93 23.79 -23.07
CA PRO A 552 8.18 23.01 -24.07
C PRO A 552 7.14 23.91 -24.75
N LYS A 553 6.81 23.62 -26.00
CA LYS A 553 5.84 24.42 -26.76
C LYS A 553 4.53 24.62 -26.01
N ARG A 554 4.09 23.58 -25.31
CA ARG A 554 2.87 23.67 -24.55
C ARG A 554 2.76 24.97 -23.75
N PHE A 555 3.85 25.38 -23.11
CA PHE A 555 3.82 26.59 -22.29
C PHE A 555 3.90 27.87 -23.09
N LEU A 556 4.52 27.76 -24.27
CA LEU A 556 4.70 28.92 -25.14
C LEU A 556 3.54 29.14 -26.09
N GLU A 557 2.81 28.08 -26.41
CA GLU A 557 1.73 28.21 -27.36
C GLU A 557 0.34 27.78 -26.94
N GLU A 558 0.21 27.03 -25.86
CA GLU A 558 -1.11 26.61 -25.41
C GLU A 558 -1.49 27.43 -24.17
N PRO A 559 -2.56 28.22 -24.28
CA PRO A 559 -3.03 29.06 -23.16
C PRO A 559 -3.58 28.21 -22.02
N MET A 560 -3.34 28.64 -20.79
CA MET A 560 -3.86 27.95 -19.61
C MET A 560 -5.37 27.82 -19.87
N PRO A 561 -5.86 26.58 -19.95
CA PRO A 561 -7.27 26.23 -20.21
C PRO A 561 -8.31 26.80 -19.25
N GLU A 562 -7.96 26.95 -17.99
CA GLU A 562 -8.93 27.43 -17.03
C GLU A 562 -8.24 27.94 -15.77
N GLY A 563 -9.06 28.33 -14.81
CA GLY A 563 -8.57 28.82 -13.55
C GLY A 563 -8.20 30.28 -13.64
N PRO A 564 -7.61 30.82 -12.56
CA PRO A 564 -7.16 32.20 -12.42
C PRO A 564 -6.19 32.69 -13.50
N ASN A 565 -5.47 31.77 -14.13
CA ASN A 565 -4.50 32.13 -15.16
C ASN A 565 -4.96 31.84 -16.57
N LYS A 566 -6.25 31.60 -16.73
CA LYS A 566 -6.82 31.29 -18.03
C LYS A 566 -6.36 32.20 -19.16
N GLY A 567 -5.98 31.57 -20.27
CA GLY A 567 -5.54 32.31 -21.43
C GLY A 567 -4.09 32.72 -21.47
N HIS A 568 -3.35 32.45 -20.39
CA HIS A 568 -1.94 32.82 -20.35
C HIS A 568 -0.97 31.86 -21.00
N THR A 569 0.11 32.46 -21.49
CA THR A 569 1.21 31.80 -22.18
C THR A 569 2.49 32.42 -21.60
N VAL A 570 3.62 31.72 -21.68
CA VAL A 570 4.88 32.28 -21.17
C VAL A 570 5.58 33.10 -22.26
N ARG A 571 5.70 34.41 -22.02
CA ARG A 571 6.36 35.30 -22.97
C ARG A 571 7.87 35.17 -22.84
N LEU A 572 8.36 33.95 -23.07
CA LEU A 572 9.77 33.62 -22.93
C LEU A 572 10.67 34.36 -23.92
N LYS A 573 10.30 34.29 -25.19
CA LYS A 573 11.02 34.92 -26.30
C LYS A 573 11.55 36.32 -26.06
N GLU A 574 10.75 37.16 -25.40
CA GLU A 574 11.17 38.54 -25.12
C GLU A 574 11.94 38.75 -23.81
N MET A 575 11.91 37.77 -22.92
CA MET A 575 12.63 37.88 -21.65
C MET A 575 14.05 37.34 -21.77
N LEU A 576 14.19 36.24 -22.49
CA LEU A 576 15.47 35.58 -22.66
C LEU A 576 16.66 36.47 -23.08
N PRO A 577 16.56 37.23 -24.18
CA PRO A 577 17.71 38.07 -24.53
C PRO A 577 18.01 39.15 -23.49
N ARG A 578 17.00 39.63 -22.78
CA ARG A 578 17.26 40.63 -21.74
C ARG A 578 18.00 40.02 -20.55
N TYR A 579 17.67 38.77 -20.23
CA TYR A 579 18.34 38.05 -19.13
C TYR A 579 19.83 37.93 -19.44
N TYR A 580 20.18 37.58 -20.68
CA TYR A 580 21.59 37.46 -21.09
C TYR A 580 22.30 38.78 -20.91
N LYS A 581 21.67 39.86 -21.37
CA LYS A 581 22.24 41.19 -21.24
C LYS A 581 22.50 41.56 -19.79
N LEU A 582 21.52 41.30 -18.93
CA LEU A 582 21.66 41.60 -17.51
C LEU A 582 22.75 40.75 -16.83
N ARG A 583 22.96 39.54 -17.35
CA ARG A 583 23.96 38.62 -16.83
C ARG A 583 25.36 39.07 -17.24
N GLY A 584 25.44 39.96 -18.23
CA GLY A 584 26.71 40.43 -18.73
C GLY A 584 27.20 39.48 -19.80
N TRP A 585 26.27 38.75 -20.39
CA TRP A 585 26.58 37.79 -21.43
C TRP A 585 26.25 38.34 -22.81
N THR A 586 26.65 37.59 -23.82
CA THR A 586 26.41 38.00 -25.18
C THR A 586 24.98 37.69 -25.59
N GLU A 587 24.57 38.30 -26.70
CA GLU A 587 23.24 38.13 -27.25
C GLU A 587 22.86 36.68 -27.50
N ASP A 588 23.85 35.83 -27.73
CA ASP A 588 23.60 34.41 -27.97
C ASP A 588 23.84 33.52 -26.77
N GLY A 589 23.84 34.11 -25.58
CA GLY A 589 24.02 33.35 -24.35
C GLY A 589 25.39 32.81 -24.00
N LYS A 590 26.45 33.37 -24.57
CA LYS A 590 27.80 32.90 -24.25
C LYS A 590 28.38 33.88 -23.24
N ILE A 591 29.47 33.48 -22.58
CA ILE A 591 30.12 34.35 -21.61
C ILE A 591 31.43 34.85 -22.24
N PRO A 592 31.53 36.18 -22.45
CA PRO A 592 32.73 36.79 -23.05
C PRO A 592 33.93 36.74 -22.12
N LYS A 593 35.14 36.76 -22.70
CA LYS A 593 36.38 36.70 -21.92
C LYS A 593 36.43 37.79 -20.83
N GLU A 594 35.91 38.97 -21.15
CA GLU A 594 35.88 40.10 -20.22
C GLU A 594 35.09 39.85 -18.94
N LYS A 595 33.97 39.14 -19.07
CA LYS A 595 33.13 38.83 -17.91
C LYS A 595 33.87 37.85 -17.01
N LEU A 596 34.47 36.83 -17.63
CA LEU A 596 35.22 35.83 -16.90
C LEU A 596 36.33 36.50 -16.11
N GLU A 597 36.98 37.46 -16.75
CA GLU A 597 38.07 38.20 -16.11
C GLU A 597 37.55 39.01 -14.94
N GLU A 598 36.37 39.62 -15.11
CA GLU A 598 35.76 40.41 -14.04
C GLU A 598 35.51 39.51 -12.84
N LEU A 599 35.13 38.27 -13.10
CA LEU A 599 34.83 37.31 -12.05
C LEU A 599 36.05 36.58 -11.50
N GLY A 600 37.14 36.61 -12.26
CA GLY A 600 38.36 35.94 -11.83
C GLY A 600 38.38 34.46 -12.18
N ILE A 601 37.66 34.10 -13.24
CA ILE A 601 37.60 32.71 -13.67
C ILE A 601 38.04 32.56 -15.12
N ALA A 602 38.71 33.58 -15.63
CA ALA A 602 39.18 33.59 -17.01
C ALA A 602 40.19 32.48 -17.33
N GLU A 603 40.82 31.91 -16.31
CA GLU A 603 41.80 30.84 -16.53
C GLU A 603 41.15 29.59 -17.11
N PHE A 604 39.82 29.52 -17.00
CA PHE A 604 39.06 28.38 -17.51
C PHE A 604 38.51 28.62 -18.90
N TYR A 605 38.78 29.78 -19.47
CA TYR A 605 38.28 30.13 -20.80
C TYR A 605 38.90 29.23 -21.87
N MET B 1 -14.60 -46.76 16.81
CA MET B 1 -15.07 -45.57 16.06
C MET B 1 -13.83 -45.08 15.34
N TYR B 2 -13.95 -44.82 14.05
CA TYR B 2 -12.83 -44.37 13.21
C TYR B 2 -13.19 -43.01 12.63
N GLY B 3 -12.18 -42.25 12.21
CA GLY B 3 -12.43 -40.93 11.66
C GLY B 3 -12.61 -40.03 12.85
N ASN B 4 -13.79 -40.12 13.48
CA ASN B 4 -14.08 -39.35 14.68
C ASN B 4 -13.36 -40.04 15.84
N TRP B 5 -12.99 -39.27 16.85
CA TRP B 5 -12.31 -39.80 18.03
C TRP B 5 -13.35 -40.11 19.10
N GLY B 6 -14.46 -39.40 19.06
CA GLY B 6 -15.51 -39.57 20.04
C GLY B 6 -15.21 -38.78 21.29
N ARG B 7 -14.30 -37.82 21.18
CA ARG B 7 -13.90 -36.99 22.31
C ARG B 7 -13.93 -35.52 21.92
N PHE B 8 -14.27 -34.66 22.88
CA PHE B 8 -14.26 -33.22 22.65
C PHE B 8 -13.98 -32.52 23.97
N ILE B 9 -13.19 -31.47 23.90
CA ILE B 9 -12.83 -30.71 25.08
C ILE B 9 -13.94 -29.72 25.39
N ARG B 10 -14.20 -29.50 26.67
CA ARG B 10 -15.18 -28.51 27.09
C ARG B 10 -14.42 -27.61 28.06
N VAL B 11 -14.36 -26.34 27.73
CA VAL B 11 -13.64 -25.38 28.55
C VAL B 11 -14.62 -24.33 29.04
N ASN B 12 -14.63 -24.10 30.34
CA ASN B 12 -15.52 -23.08 30.89
C ASN B 12 -14.57 -22.00 31.37
N LEU B 13 -14.43 -20.95 30.57
CA LEU B 13 -13.52 -19.85 30.88
C LEU B 13 -13.86 -19.07 32.16
N SER B 14 -15.13 -18.97 32.50
CA SER B 14 -15.57 -18.25 33.72
C SER B 14 -15.02 -18.91 34.97
N THR B 15 -15.15 -20.24 35.02
CA THR B 15 -14.69 -21.03 36.16
C THR B 15 -13.26 -21.56 35.96
N GLY B 16 -12.83 -21.64 34.71
CA GLY B 16 -11.49 -22.12 34.41
C GLY B 16 -11.35 -23.63 34.38
N ASP B 17 -12.45 -24.38 34.42
CA ASP B 17 -12.30 -25.83 34.38
C ASP B 17 -12.47 -26.46 33.00
N ILE B 18 -11.65 -27.48 32.77
CA ILE B 18 -11.60 -28.20 31.52
C ILE B 18 -12.04 -29.63 31.76
N LYS B 19 -12.72 -30.21 30.77
CA LYS B 19 -13.18 -31.58 30.86
C LYS B 19 -13.29 -32.17 29.46
N VAL B 20 -12.80 -33.40 29.30
CA VAL B 20 -12.84 -34.11 28.03
C VAL B 20 -14.06 -35.01 28.06
N GLU B 21 -15.07 -34.64 27.27
CA GLU B 21 -16.31 -35.41 27.18
C GLU B 21 -16.23 -36.38 26.04
N GLU B 22 -17.05 -37.42 26.09
CA GLU B 22 -17.06 -38.42 25.06
C GLU B 22 -18.46 -38.61 24.51
N TYR B 23 -18.55 -39.17 23.30
CA TYR B 23 -19.83 -39.46 22.69
C TYR B 23 -19.68 -40.79 21.98
N ASP B 24 -20.80 -41.38 21.57
CA ASP B 24 -20.79 -42.68 20.91
C ASP B 24 -21.08 -42.70 19.42
N GLU B 25 -20.68 -43.79 18.78
CA GLU B 25 -20.85 -43.96 17.35
C GLU B 25 -22.27 -43.75 16.87
N GLU B 26 -23.25 -43.97 17.74
CA GLU B 26 -24.62 -43.78 17.32
C GLU B 26 -24.94 -42.31 17.13
N LEU B 27 -24.27 -41.45 17.89
CA LEU B 27 -24.49 -40.02 17.76
C LEU B 27 -23.89 -39.59 16.41
N ALA B 28 -22.71 -40.11 16.12
CA ALA B 28 -22.02 -39.81 14.88
C ALA B 28 -22.84 -40.28 13.69
N LYS B 29 -23.53 -41.39 13.85
CA LYS B 29 -24.35 -41.93 12.77
C LYS B 29 -25.56 -41.05 12.48
N LYS B 30 -25.84 -40.15 13.41
CA LYS B 30 -26.97 -39.24 13.29
C LYS B 30 -26.54 -37.87 12.73
N TRP B 31 -25.46 -37.32 13.28
CA TRP B 31 -24.97 -35.98 12.89
C TRP B 31 -23.60 -35.92 12.18
N LEU B 32 -23.00 -37.08 11.91
CA LEU B 32 -21.69 -37.21 11.25
C LEU B 32 -20.49 -36.53 11.95
N GLY B 33 -20.55 -35.22 12.13
CA GLY B 33 -19.45 -34.52 12.79
C GLY B 33 -19.47 -33.03 12.48
N SER B 34 -18.36 -32.37 12.79
CA SER B 34 -18.17 -30.94 12.58
C SER B 34 -19.44 -30.09 12.72
N ARG B 35 -19.92 -29.55 11.60
CA ARG B 35 -21.11 -28.71 11.57
C ARG B 35 -22.30 -29.41 12.23
N GLY B 36 -22.55 -30.67 11.86
CA GLY B 36 -23.66 -31.42 12.42
C GLY B 36 -23.59 -31.65 13.94
N LEU B 37 -22.43 -32.05 14.42
CA LEU B 37 -22.24 -32.29 15.85
C LEU B 37 -22.47 -31.00 16.61
N ALA B 38 -21.98 -29.90 16.04
CA ALA B 38 -22.09 -28.59 16.65
C ALA B 38 -23.53 -28.16 16.88
N ILE B 39 -24.36 -28.23 15.85
CA ILE B 39 -25.77 -27.83 15.99
C ILE B 39 -26.52 -28.66 17.03
N TYR B 40 -26.16 -29.93 17.15
CA TYR B 40 -26.76 -30.82 18.13
C TYR B 40 -26.44 -30.35 19.55
N LEU B 41 -25.16 -30.10 19.82
CA LEU B 41 -24.73 -29.65 21.14
C LEU B 41 -25.39 -28.34 21.50
N LEU B 42 -25.46 -27.42 20.54
CA LEU B 42 -26.10 -26.15 20.80
C LEU B 42 -27.57 -26.39 21.14
N LEU B 43 -28.28 -27.06 20.23
CA LEU B 43 -29.69 -27.35 20.43
C LEU B 43 -29.98 -28.03 21.79
N LYS B 44 -29.07 -28.89 22.21
CA LYS B 44 -29.27 -29.61 23.46
C LYS B 44 -28.85 -28.89 24.72
N GLU B 45 -27.97 -27.91 24.63
CA GLU B 45 -27.50 -27.24 25.82
C GLU B 45 -27.72 -25.75 25.98
N MET B 46 -27.88 -25.05 24.86
CA MET B 46 -28.01 -23.60 24.92
C MET B 46 -29.40 -23.08 24.63
N ASP B 47 -29.78 -22.03 25.35
CA ASP B 47 -31.06 -21.37 25.14
C ASP B 47 -30.82 -20.57 23.85
N PRO B 48 -31.61 -20.82 22.80
CA PRO B 48 -31.46 -20.11 21.53
C PRO B 48 -31.64 -18.60 21.60
N THR B 49 -32.16 -18.13 22.72
CA THR B 49 -32.40 -16.71 22.91
C THR B 49 -31.29 -15.97 23.67
N VAL B 50 -30.19 -16.65 23.98
CA VAL B 50 -29.09 -15.99 24.68
C VAL B 50 -28.56 -14.81 23.86
N ASP B 51 -28.00 -13.83 24.53
CA ASP B 51 -27.43 -12.69 23.85
C ASP B 51 -26.09 -13.22 23.32
N PRO B 52 -25.88 -13.14 21.99
CA PRO B 52 -24.65 -13.61 21.35
C PRO B 52 -23.35 -13.11 21.97
N LEU B 53 -23.38 -11.96 22.63
CA LEU B 53 -22.17 -11.43 23.24
C LEU B 53 -22.06 -11.64 24.75
N SER B 54 -23.02 -12.36 25.33
CA SER B 54 -22.97 -12.63 26.76
C SER B 54 -22.23 -13.96 26.93
N PRO B 55 -21.69 -14.23 28.13
CA PRO B 55 -20.95 -15.46 28.45
C PRO B 55 -21.78 -16.75 28.30
N GLU B 56 -23.09 -16.62 28.16
CA GLU B 56 -23.95 -17.79 28.00
C GLU B 56 -23.89 -18.40 26.61
N ASN B 57 -23.51 -17.60 25.62
CA ASN B 57 -23.39 -18.07 24.25
C ASN B 57 -22.19 -19.02 24.21
N LYS B 58 -22.23 -20.02 23.34
CA LYS B 58 -21.14 -20.98 23.25
C LYS B 58 -20.49 -20.93 21.87
N LEU B 59 -19.17 -21.09 21.86
CA LEU B 59 -18.42 -21.08 20.62
C LEU B 59 -17.90 -22.51 20.45
N ILE B 60 -18.28 -23.14 19.35
CA ILE B 60 -17.86 -24.50 19.06
C ILE B 60 -16.94 -24.55 17.85
N ILE B 61 -15.71 -25.03 18.05
CA ILE B 61 -14.73 -25.19 16.98
C ILE B 61 -14.74 -26.71 16.78
N ALA B 62 -15.13 -27.16 15.59
CA ALA B 62 -15.22 -28.60 15.35
C ALA B 62 -14.69 -29.13 14.04
N ALA B 63 -13.89 -30.19 14.13
CA ALA B 63 -13.31 -30.84 12.96
C ALA B 63 -14.31 -31.92 12.54
N GLY B 64 -14.06 -32.54 11.40
CA GLY B 64 -14.97 -33.59 10.93
C GLY B 64 -14.26 -34.93 10.85
N PRO B 65 -14.98 -36.04 10.74
CA PRO B 65 -14.35 -37.36 10.66
C PRO B 65 -13.19 -37.50 9.66
N LEU B 66 -13.32 -36.89 8.49
CA LEU B 66 -12.27 -36.99 7.48
C LEU B 66 -11.18 -35.93 7.62
N THR B 67 -11.32 -35.04 8.59
CA THR B 67 -10.32 -34.00 8.83
C THR B 67 -9.10 -34.69 9.44
N GLY B 68 -7.94 -34.52 8.81
CA GLY B 68 -6.74 -35.13 9.32
C GLY B 68 -6.42 -36.47 8.66
N THR B 69 -7.24 -36.89 7.70
CA THR B 69 -7.00 -38.14 7.01
C THR B 69 -6.34 -37.86 5.68
N SER B 70 -6.22 -38.88 4.85
CA SER B 70 -5.63 -38.74 3.53
C SER B 70 -6.70 -38.39 2.51
N ALA B 71 -7.94 -38.21 2.97
CA ALA B 71 -9.05 -37.86 2.07
C ALA B 71 -8.67 -36.54 1.42
N PRO B 72 -8.78 -36.45 0.07
CA PRO B 72 -8.43 -35.19 -0.61
C PRO B 72 -9.18 -34.00 -0.02
N THR B 73 -8.44 -33.01 0.45
CA THR B 73 -8.95 -31.79 1.09
C THR B 73 -9.48 -32.06 2.52
N GLY B 74 -9.04 -33.18 3.10
CA GLY B 74 -9.47 -33.52 4.44
C GLY B 74 -8.71 -32.71 5.48
N GLY B 75 -8.99 -31.41 5.57
CA GLY B 75 -8.30 -30.58 6.54
C GLY B 75 -9.12 -29.38 6.96
N ARG B 76 -10.43 -29.45 6.75
CA ARG B 76 -11.35 -28.37 7.09
C ARG B 76 -12.05 -28.57 8.44
N TYR B 77 -12.48 -27.47 9.05
CA TYR B 77 -13.22 -27.50 10.32
C TYR B 77 -14.23 -26.36 10.29
N ASN B 78 -15.19 -26.37 11.21
CA ASN B 78 -16.21 -25.33 11.26
C ASN B 78 -16.25 -24.71 12.64
N VAL B 79 -16.64 -23.43 12.68
CA VAL B 79 -16.81 -22.70 13.94
C VAL B 79 -18.31 -22.44 13.92
N VAL B 80 -19.00 -22.80 15.00
CA VAL B 80 -20.43 -22.60 15.07
C VAL B 80 -20.81 -21.90 16.35
N THR B 81 -21.73 -20.95 16.24
CA THR B 81 -22.20 -20.18 17.37
C THR B 81 -23.38 -19.31 16.92
N LYS B 82 -24.02 -18.61 17.85
CA LYS B 82 -25.12 -17.72 17.52
C LYS B 82 -24.44 -16.41 17.10
N SER B 83 -24.80 -15.91 15.93
CA SER B 83 -24.20 -14.69 15.37
C SER B 83 -24.58 -13.36 16.03
N PRO B 84 -23.56 -12.58 16.44
CA PRO B 84 -23.89 -11.28 17.04
C PRO B 84 -24.29 -10.28 15.95
N LEU B 85 -24.10 -10.67 14.68
CA LEU B 85 -24.43 -9.81 13.55
C LEU B 85 -25.86 -10.00 13.04
N THR B 86 -26.24 -11.26 12.81
CA THR B 86 -27.56 -11.58 12.29
C THR B 86 -28.56 -11.94 13.38
N GLY B 87 -28.06 -12.50 14.47
CA GLY B 87 -28.92 -12.91 15.57
C GLY B 87 -29.37 -14.35 15.42
N PHE B 88 -28.86 -15.02 14.38
CA PHE B 88 -29.21 -16.40 14.11
C PHE B 88 -27.97 -17.27 14.09
N ILE B 89 -28.14 -18.54 13.78
CA ILE B 89 -27.03 -19.49 13.74
C ILE B 89 -26.01 -19.10 12.66
N THR B 90 -24.76 -19.46 12.87
CA THR B 90 -23.73 -19.21 11.89
C THR B 90 -22.68 -20.33 11.94
N MET B 91 -22.32 -20.85 10.76
CA MET B 91 -21.29 -21.88 10.60
C MET B 91 -20.25 -21.23 9.69
N ALA B 92 -19.01 -21.15 10.16
CA ALA B 92 -17.94 -20.56 9.38
C ALA B 92 -16.90 -21.64 9.17
N ASN B 93 -16.64 -21.98 7.92
CA ASN B 93 -15.70 -23.02 7.57
C ASN B 93 -14.30 -22.46 7.30
N SER B 94 -13.28 -23.20 7.71
CA SER B 94 -11.91 -22.74 7.49
C SER B 94 -10.98 -23.90 7.16
N GLY B 95 -9.99 -23.64 6.31
CA GLY B 95 -9.04 -24.65 5.91
C GLY B 95 -7.70 -24.47 6.58
N GLY B 96 -6.63 -24.67 5.82
CA GLY B 96 -5.29 -24.54 6.36
C GLY B 96 -4.81 -25.85 6.97
N TYR B 97 -4.20 -25.76 8.15
CA TYR B 97 -3.66 -26.92 8.82
C TYR B 97 -4.11 -27.04 10.27
N PHE B 98 -4.76 -26.01 10.79
CA PHE B 98 -5.22 -26.04 12.17
C PHE B 98 -6.16 -27.20 12.45
N GLY B 99 -7.13 -27.41 11.55
CA GLY B 99 -8.10 -28.48 11.73
C GLY B 99 -7.49 -29.85 11.85
N ALA B 100 -6.53 -30.16 10.98
CA ALA B 100 -5.85 -31.45 10.98
C ALA B 100 -5.09 -31.64 12.29
N GLU B 101 -4.43 -30.57 12.74
CA GLU B 101 -3.65 -30.59 13.98
C GLU B 101 -4.52 -30.94 15.20
N LEU B 102 -5.73 -30.40 15.28
CA LEU B 102 -6.65 -30.68 16.40
C LEU B 102 -6.93 -32.18 16.42
N LYS B 103 -7.15 -32.74 15.23
CA LYS B 103 -7.42 -34.16 15.12
C LYS B 103 -6.18 -34.96 15.54
N PHE B 104 -5.00 -34.44 15.26
CA PHE B 104 -3.77 -35.13 15.64
C PHE B 104 -3.56 -35.09 17.14
N ALA B 105 -4.13 -34.11 17.80
CA ALA B 105 -3.98 -33.99 19.24
C ALA B 105 -4.92 -34.98 19.90
N GLY B 106 -5.88 -35.50 19.13
CA GLY B 106 -6.82 -36.47 19.64
C GLY B 106 -8.19 -35.97 20.05
N TYR B 107 -8.63 -34.86 19.47
CA TYR B 107 -9.94 -34.31 19.79
C TYR B 107 -10.70 -33.98 18.52
N ASP B 108 -12.02 -34.02 18.62
CA ASP B 108 -12.92 -33.71 17.51
C ASP B 108 -13.35 -32.26 17.53
N ALA B 109 -13.51 -31.72 18.73
CA ALA B 109 -13.98 -30.35 18.88
C ALA B 109 -13.58 -29.76 20.21
N ILE B 110 -13.84 -28.46 20.36
CA ILE B 110 -13.59 -27.71 21.58
C ILE B 110 -14.84 -26.87 21.81
N VAL B 111 -15.48 -27.04 22.96
CA VAL B 111 -16.68 -26.28 23.31
C VAL B 111 -16.22 -25.25 24.35
N VAL B 112 -16.22 -23.98 23.97
CA VAL B 112 -15.81 -22.90 24.86
C VAL B 112 -17.02 -22.23 25.46
N GLU B 113 -17.01 -22.02 26.76
CA GLU B 113 -18.14 -21.39 27.45
C GLU B 113 -17.65 -20.31 28.39
N GLY B 114 -18.61 -19.50 28.85
CA GLY B 114 -18.31 -18.45 29.79
C GLY B 114 -17.44 -17.34 29.28
N LYS B 115 -16.70 -16.70 30.18
CA LYS B 115 -15.85 -15.60 29.81
C LYS B 115 -14.73 -15.49 30.83
N ALA B 116 -13.50 -15.40 30.34
CA ALA B 116 -12.35 -15.28 31.23
C ALA B 116 -12.37 -13.87 31.80
N GLU B 117 -11.69 -13.65 32.92
CA GLU B 117 -11.63 -12.33 33.56
C GLU B 117 -10.61 -11.40 32.91
N LYS B 118 -9.59 -11.99 32.29
CA LYS B 118 -8.53 -11.25 31.61
C LYS B 118 -8.17 -12.09 30.37
N PRO B 119 -7.68 -11.44 29.30
CA PRO B 119 -7.33 -12.21 28.11
C PRO B 119 -6.44 -13.43 28.36
N VAL B 120 -6.82 -14.53 27.70
CA VAL B 120 -6.11 -15.80 27.82
C VAL B 120 -6.10 -16.52 26.47
N TYR B 121 -5.38 -17.62 26.40
CA TYR B 121 -5.33 -18.46 25.20
C TYR B 121 -5.20 -19.89 25.67
N ILE B 122 -5.78 -20.81 24.91
CA ILE B 122 -5.76 -22.21 25.27
C ILE B 122 -4.69 -22.96 24.54
N TYR B 123 -3.78 -23.56 25.30
CA TYR B 123 -2.69 -24.33 24.74
C TYR B 123 -3.01 -25.82 24.84
N ILE B 124 -2.94 -26.51 23.72
CA ILE B 124 -3.23 -27.95 23.68
C ILE B 124 -2.09 -28.71 23.01
N LYS B 125 -1.57 -29.72 23.70
CA LYS B 125 -0.53 -30.58 23.14
C LYS B 125 -0.94 -31.98 23.53
N ASP B 126 -1.63 -32.65 22.62
CA ASP B 126 -2.14 -33.98 22.87
C ASP B 126 -3.06 -33.94 24.10
N GLU B 127 -2.73 -34.68 25.15
CA GLU B 127 -3.59 -34.70 26.32
C GLU B 127 -3.44 -33.49 27.23
N HIS B 128 -2.40 -32.70 26.98
CA HIS B 128 -2.14 -31.52 27.80
C HIS B 128 -2.97 -30.34 27.33
N ILE B 129 -3.94 -29.96 28.13
CA ILE B 129 -4.80 -28.82 27.84
C ILE B 129 -4.46 -27.79 28.90
N GLU B 130 -4.26 -26.55 28.48
CA GLU B 130 -3.87 -25.51 29.43
C GLU B 130 -4.42 -24.14 29.06
N ILE B 131 -4.78 -23.35 30.07
CA ILE B 131 -5.29 -21.99 29.87
C ILE B 131 -4.19 -21.02 30.32
N ARG B 132 -3.60 -20.30 29.37
CA ARG B 132 -2.51 -19.36 29.65
C ARG B 132 -2.91 -17.89 29.54
N ASP B 133 -2.14 -17.03 30.20
CA ASP B 133 -2.39 -15.59 30.17
C ASP B 133 -1.98 -14.98 28.85
N ALA B 134 -2.84 -14.14 28.30
CA ALA B 134 -2.57 -13.50 27.02
C ALA B 134 -2.58 -11.98 27.11
N SER B 135 -2.45 -11.43 28.32
CA SER B 135 -2.46 -9.98 28.51
C SER B 135 -1.41 -9.24 27.68
N HIS B 136 -0.35 -9.96 27.31
CA HIS B 136 0.74 -9.41 26.53
C HIS B 136 0.59 -9.59 25.02
N ILE B 137 -0.39 -10.38 24.61
CA ILE B 137 -0.63 -10.66 23.19
C ILE B 137 -1.86 -9.88 22.72
N TRP B 138 -2.77 -9.61 23.66
CA TRP B 138 -3.99 -8.90 23.37
C TRP B 138 -3.68 -7.54 22.75
N GLY B 139 -4.21 -7.30 21.55
CA GLY B 139 -3.99 -6.06 20.87
C GLY B 139 -3.13 -6.23 19.63
N LYS B 140 -2.53 -7.40 19.48
CA LYS B 140 -1.66 -7.69 18.35
C LYS B 140 -2.39 -8.29 17.14
N LYS B 141 -1.81 -8.04 15.98
CA LYS B 141 -2.34 -8.55 14.71
C LYS B 141 -2.14 -10.04 14.69
N VAL B 142 -2.87 -10.72 13.82
CA VAL B 142 -2.78 -12.16 13.72
C VAL B 142 -1.34 -12.64 13.61
N SER B 143 -0.59 -12.09 12.66
CA SER B 143 0.80 -12.51 12.45
C SER B 143 1.66 -12.39 13.71
N GLU B 144 1.48 -11.29 14.44
CA GLU B 144 2.24 -11.05 15.67
C GLU B 144 1.83 -12.08 16.71
N THR B 145 0.52 -12.31 16.83
CA THR B 145 -0.04 -13.26 17.78
C THR B 145 0.55 -14.66 17.62
N GLU B 146 0.64 -15.10 16.37
CA GLU B 146 1.18 -16.42 16.06
C GLU B 146 2.66 -16.47 16.37
N ALA B 147 3.38 -15.40 16.05
CA ALA B 147 4.81 -15.34 16.29
C ALA B 147 5.12 -15.43 17.78
N THR B 148 4.42 -14.62 18.59
CA THR B 148 4.60 -14.60 20.03
C THR B 148 4.38 -15.97 20.63
N ILE B 149 3.22 -16.58 20.34
CA ILE B 149 2.87 -17.89 20.86
C ILE B 149 3.88 -18.99 20.47
N ARG B 150 4.29 -19.01 19.21
CA ARG B 150 5.24 -20.02 18.76
C ARG B 150 6.56 -19.89 19.51
N LYS B 151 6.94 -18.66 19.83
CA LYS B 151 8.17 -18.41 20.57
C LYS B 151 7.99 -18.82 22.04
N GLU B 152 6.80 -18.55 22.59
CA GLU B 152 6.48 -18.89 23.97
C GLU B 152 6.40 -20.37 24.28
N VAL B 153 5.68 -21.12 23.45
CA VAL B 153 5.60 -22.55 23.69
C VAL B 153 6.81 -23.20 23.04
N GLY B 154 7.62 -22.38 22.37
CA GLY B 154 8.83 -22.85 21.71
C GLY B 154 8.59 -23.97 20.72
N SER B 155 7.68 -23.77 19.78
CA SER B 155 7.39 -24.79 18.79
C SER B 155 6.75 -24.15 17.58
N GLU B 156 7.29 -24.47 16.41
CA GLU B 156 6.78 -23.93 15.15
C GLU B 156 5.70 -24.84 14.56
N LYS B 157 5.58 -26.05 15.09
CA LYS B 157 4.59 -27.00 14.59
C LYS B 157 3.22 -26.69 15.13
N VAL B 158 3.17 -25.87 16.18
CA VAL B 158 1.90 -25.51 16.78
C VAL B 158 1.07 -24.68 15.79
N LYS B 159 -0.16 -25.11 15.54
CA LYS B 159 -1.08 -24.41 14.64
C LYS B 159 -1.94 -23.50 15.50
N ILE B 160 -2.20 -22.29 15.02
CA ILE B 160 -2.95 -21.34 15.81
C ILE B 160 -4.19 -20.75 15.13
N ALA B 161 -5.24 -20.56 15.92
CA ALA B 161 -6.51 -19.97 15.49
C ALA B 161 -6.66 -18.77 16.44
N SER B 162 -6.70 -17.56 15.90
CA SER B 162 -6.80 -16.37 16.74
C SER B 162 -7.72 -15.27 16.19
N ILE B 163 -7.91 -14.24 17.00
CA ILE B 163 -8.71 -13.08 16.62
C ILE B 163 -7.76 -11.88 16.59
N GLY B 164 -8.04 -10.92 15.74
CA GLY B 164 -7.20 -9.74 15.68
C GLY B 164 -7.90 -8.66 16.48
N PRO B 165 -7.40 -7.42 16.44
CA PRO B 165 -7.97 -6.29 17.16
C PRO B 165 -9.47 -6.11 16.90
N ALA B 166 -9.92 -6.54 15.73
CA ALA B 166 -11.33 -6.42 15.39
C ALA B 166 -12.17 -7.31 16.30
N GLY B 167 -11.71 -8.53 16.52
CA GLY B 167 -12.46 -9.45 17.38
C GLY B 167 -12.46 -8.92 18.80
N GLU B 168 -11.31 -8.42 19.23
CA GLU B 168 -11.15 -7.89 20.57
C GLU B 168 -12.08 -6.72 20.82
N ASN B 169 -12.30 -5.92 19.78
CA ASN B 169 -13.17 -4.76 19.88
C ASN B 169 -14.63 -5.07 19.59
N LEU B 170 -14.95 -6.34 19.43
CA LEU B 170 -16.32 -6.77 19.17
C LEU B 170 -16.97 -6.22 17.90
N VAL B 171 -16.16 -6.07 16.85
CA VAL B 171 -16.66 -5.60 15.56
C VAL B 171 -17.60 -6.72 15.15
N LYS B 172 -18.84 -6.38 14.82
CA LYS B 172 -19.87 -7.36 14.46
C LYS B 172 -19.51 -8.36 13.37
N PHE B 173 -18.53 -8.02 12.53
CA PHE B 173 -18.11 -8.95 11.48
C PHE B 173 -16.65 -9.39 11.64
N ALA B 174 -16.21 -9.49 12.89
CA ALA B 174 -14.87 -9.95 13.19
C ALA B 174 -14.80 -11.43 12.83
N ALA B 175 -13.68 -11.85 12.28
CA ALA B 175 -13.48 -13.24 11.87
C ALA B 175 -12.50 -13.96 12.79
N ILE B 176 -12.42 -15.27 12.65
CA ILE B 176 -11.45 -16.07 13.41
C ILE B 176 -10.48 -16.51 12.32
N MET B 177 -9.21 -16.20 12.50
CA MET B 177 -8.20 -16.54 11.51
C MET B 177 -7.32 -17.66 12.01
N ASN B 178 -6.80 -18.45 11.09
CA ASN B 178 -5.90 -19.52 11.45
C ASN B 178 -4.91 -19.67 10.29
N ASP B 179 -3.68 -20.03 10.64
CA ASP B 179 -2.61 -20.23 9.67
C ASP B 179 -2.31 -18.96 8.86
N GLY B 180 -2.47 -17.82 9.51
CA GLY B 180 -2.19 -16.53 8.89
C GLY B 180 -3.25 -15.90 8.02
N HIS B 181 -3.77 -16.63 7.04
CA HIS B 181 -4.75 -16.07 6.11
C HIS B 181 -5.98 -16.90 5.82
N ARG B 182 -6.20 -17.95 6.59
CA ARG B 182 -7.36 -18.82 6.43
C ARG B 182 -8.43 -18.30 7.37
N ALA B 183 -9.66 -18.19 6.88
CA ALA B 183 -10.71 -17.62 7.70
C ALA B 183 -12.03 -18.35 7.89
N ALA B 184 -12.46 -18.40 9.15
CA ALA B 184 -13.77 -18.91 9.52
C ALA B 184 -14.25 -17.46 9.53
N GLY B 185 -14.68 -16.97 8.38
CA GLY B 185 -15.01 -15.56 8.26
C GLY B 185 -16.31 -14.85 8.53
N ARG B 186 -17.45 -15.47 8.28
CA ARG B 186 -18.70 -14.75 8.43
C ARG B 186 -19.57 -14.98 9.66
N GLY B 187 -20.43 -14.00 9.94
CA GLY B 187 -21.35 -14.10 11.06
C GLY B 187 -20.90 -13.46 12.36
N GLY B 188 -19.66 -12.98 12.40
CA GLY B 188 -19.16 -12.35 13.61
C GLY B 188 -18.60 -13.33 14.61
N VAL B 189 -18.14 -14.48 14.14
CA VAL B 189 -17.59 -15.50 15.02
C VAL B 189 -16.43 -14.94 15.86
N GLY B 190 -15.73 -13.95 15.31
CA GLY B 190 -14.62 -13.33 16.02
C GLY B 190 -15.06 -12.47 17.19
N ALA B 191 -16.23 -11.84 17.07
CA ALA B 191 -16.73 -11.01 18.15
C ALA B 191 -17.12 -11.90 19.32
N VAL B 192 -17.69 -13.06 19.02
CA VAL B 192 -18.07 -14.00 20.08
C VAL B 192 -16.81 -14.44 20.85
N MET B 193 -15.75 -14.81 20.13
CA MET B 193 -14.50 -15.24 20.78
C MET B 193 -13.92 -14.10 21.61
N GLY B 194 -13.94 -12.89 21.05
CA GLY B 194 -13.44 -11.72 21.74
C GLY B 194 -14.26 -11.39 22.98
N SER B 195 -15.55 -11.69 22.96
CA SER B 195 -16.41 -11.40 24.10
C SER B 195 -16.06 -12.30 25.29
N LYS B 196 -15.43 -13.44 24.99
CA LYS B 196 -15.04 -14.36 26.04
C LYS B 196 -13.62 -14.10 26.52
N ASN B 197 -12.98 -13.11 25.92
CA ASN B 197 -11.58 -12.76 26.23
C ASN B 197 -10.63 -13.87 25.81
N LEU B 198 -11.01 -14.61 24.78
CA LEU B 198 -10.19 -15.71 24.27
C LEU B 198 -9.45 -15.18 23.04
N LYS B 199 -8.17 -14.87 23.22
CA LYS B 199 -7.34 -14.34 22.15
C LYS B 199 -6.94 -15.38 21.11
N ALA B 200 -6.66 -16.60 21.57
CA ALA B 200 -6.23 -17.62 20.64
C ALA B 200 -6.31 -19.04 21.19
N ILE B 201 -6.12 -20.00 20.29
CA ILE B 201 -6.13 -21.43 20.60
C ILE B 201 -4.95 -21.98 19.81
N ALA B 202 -3.99 -22.61 20.50
CA ALA B 202 -2.80 -23.17 19.85
C ALA B 202 -2.79 -24.68 20.07
N VAL B 203 -2.64 -25.45 19.00
CA VAL B 203 -2.66 -26.90 19.09
C VAL B 203 -1.43 -27.59 18.52
N GLU B 204 -1.09 -28.72 19.13
CA GLU B 204 0.02 -29.57 18.72
C GLU B 204 -0.46 -31.00 18.94
N GLY B 205 -0.37 -31.82 17.90
CA GLY B 205 -0.82 -33.19 18.01
C GLY B 205 0.19 -34.14 17.43
N SER B 206 0.09 -35.40 17.79
CA SER B 206 1.04 -36.40 17.30
C SER B 206 0.38 -37.71 16.93
N LYS B 207 -0.92 -37.81 17.17
CA LYS B 207 -1.66 -39.02 16.87
C LYS B 207 -2.08 -39.11 15.42
N THR B 208 -2.40 -40.33 15.01
CA THR B 208 -2.87 -40.62 13.67
C THR B 208 -4.35 -40.93 13.82
N VAL B 209 -5.17 -40.27 13.01
CA VAL B 209 -6.61 -40.48 13.06
C VAL B 209 -6.91 -41.92 12.63
N PRO B 210 -7.64 -42.68 13.44
CA PRO B 210 -7.98 -44.06 13.12
C PRO B 210 -8.92 -44.18 11.91
N ILE B 211 -8.62 -45.11 11.01
CA ILE B 211 -9.42 -45.37 9.81
C ILE B 211 -9.88 -46.83 9.86
N ALA B 212 -11.15 -47.07 9.55
CA ALA B 212 -11.73 -48.42 9.57
C ALA B 212 -11.00 -49.41 8.68
N ASP B 213 -10.86 -49.09 7.39
CA ASP B 213 -10.16 -49.97 6.47
C ASP B 213 -9.14 -49.22 5.62
N LYS B 214 -7.92 -49.15 6.12
CA LYS B 214 -6.81 -48.45 5.45
C LYS B 214 -6.62 -48.83 3.98
N GLN B 215 -6.51 -50.11 3.70
CA GLN B 215 -6.30 -50.59 2.33
C GLN B 215 -7.39 -50.07 1.41
N LYS B 216 -8.63 -50.31 1.82
CA LYS B 216 -9.80 -49.89 1.08
C LYS B 216 -9.83 -48.37 0.98
N PHE B 217 -9.53 -47.70 2.08
CA PHE B 217 -9.55 -46.25 2.11
C PHE B 217 -8.56 -45.64 1.15
N MET B 218 -7.34 -46.15 1.14
CA MET B 218 -6.30 -45.63 0.27
C MET B 218 -6.64 -45.88 -1.19
N LEU B 219 -7.37 -46.96 -1.43
CA LEU B 219 -7.79 -47.35 -2.76
C LEU B 219 -8.77 -46.27 -3.24
N VAL B 220 -9.80 -46.03 -2.45
CA VAL B 220 -10.81 -45.01 -2.74
C VAL B 220 -10.18 -43.63 -2.92
N VAL B 221 -9.30 -43.26 -1.99
CA VAL B 221 -8.60 -41.98 -2.03
C VAL B 221 -7.92 -41.73 -3.37
N ARG B 222 -7.20 -42.72 -3.89
CA ARG B 222 -6.48 -42.55 -5.14
C ARG B 222 -7.39 -42.37 -6.35
N GLU B 223 -8.57 -42.98 -6.26
CA GLU B 223 -9.55 -42.90 -7.32
C GLU B 223 -10.13 -41.50 -7.35
N LYS B 224 -10.46 -40.96 -6.17
CA LYS B 224 -11.03 -39.62 -6.08
C LYS B 224 -10.02 -38.56 -6.47
N VAL B 225 -8.78 -38.70 -6.00
CA VAL B 225 -7.72 -37.73 -6.34
C VAL B 225 -7.58 -37.69 -7.86
N ASN B 226 -7.68 -38.84 -8.49
CA ASN B 226 -7.57 -38.92 -9.93
C ASN B 226 -8.71 -38.17 -10.65
N LYS B 227 -9.92 -38.24 -10.09
CA LYS B 227 -11.08 -37.56 -10.66
C LYS B 227 -10.91 -36.06 -10.61
N LEU B 228 -10.47 -35.56 -9.46
CA LEU B 228 -10.24 -34.14 -9.25
C LEU B 228 -9.14 -33.66 -10.21
N ARG B 229 -8.10 -34.47 -10.34
CA ARG B 229 -6.97 -34.16 -11.22
C ARG B 229 -7.37 -34.08 -12.70
N ASN B 230 -8.37 -34.87 -13.10
CA ASN B 230 -8.82 -34.87 -14.50
C ASN B 230 -9.86 -33.81 -14.79
N ASP B 231 -10.35 -33.16 -13.76
CA ASP B 231 -11.37 -32.13 -13.95
C ASP B 231 -10.71 -30.80 -14.35
N PRO B 232 -11.28 -30.10 -15.35
CA PRO B 232 -10.73 -28.82 -15.81
C PRO B 232 -10.69 -27.72 -14.74
N VAL B 233 -11.70 -27.69 -13.87
CA VAL B 233 -11.74 -26.70 -12.80
C VAL B 233 -10.76 -27.11 -11.67
N ALA B 234 -11.04 -28.24 -11.02
CA ALA B 234 -10.19 -28.73 -9.94
C ALA B 234 -8.76 -29.06 -10.38
N GLY B 235 -8.58 -29.35 -11.67
CA GLY B 235 -7.26 -29.69 -12.17
C GLY B 235 -6.57 -28.67 -13.06
N GLY B 236 -7.29 -27.63 -13.48
CA GLY B 236 -6.69 -26.63 -14.34
C GLY B 236 -6.93 -25.21 -13.85
N GLY B 237 -8.20 -24.84 -13.80
CA GLY B 237 -8.59 -23.50 -13.37
C GLY B 237 -8.19 -23.02 -11.99
N LEU B 238 -8.57 -23.76 -10.96
CA LEU B 238 -8.25 -23.36 -9.58
C LEU B 238 -6.75 -23.33 -9.23
N PRO B 239 -5.99 -24.39 -9.53
CA PRO B 239 -4.56 -24.30 -9.18
C PRO B 239 -3.80 -23.22 -9.93
N LYS B 240 -4.25 -22.95 -11.14
CA LYS B 240 -3.62 -21.96 -11.98
C LYS B 240 -3.98 -20.51 -11.64
N TYR B 241 -5.27 -20.22 -11.43
CA TYR B 241 -5.69 -18.85 -11.13
C TYR B 241 -6.43 -18.63 -9.82
N GLY B 242 -6.58 -19.68 -9.02
CA GLY B 242 -7.28 -19.57 -7.76
C GLY B 242 -8.76 -19.29 -7.99
N THR B 243 -9.49 -19.01 -6.90
CA THR B 243 -10.92 -18.73 -6.99
C THR B 243 -11.18 -17.48 -7.84
N ALA B 244 -10.18 -16.61 -7.93
CA ALA B 244 -10.28 -15.38 -8.70
C ALA B 244 -10.48 -15.60 -10.21
N VAL B 245 -10.48 -16.84 -10.68
CA VAL B 245 -10.73 -17.14 -12.11
C VAL B 245 -12.14 -16.69 -12.46
N LEU B 246 -13.01 -16.65 -11.45
CA LEU B 246 -14.40 -16.27 -11.64
C LEU B 246 -14.67 -14.84 -12.11
N VAL B 247 -13.78 -13.91 -11.77
CA VAL B 247 -13.99 -12.51 -12.14
C VAL B 247 -14.46 -12.31 -13.57
N ASN B 248 -13.68 -12.78 -14.54
CA ASN B 248 -14.03 -12.61 -15.93
C ASN B 248 -15.28 -13.38 -16.32
N ILE B 249 -15.51 -14.51 -15.67
CA ILE B 249 -16.67 -15.34 -15.96
C ILE B 249 -17.97 -14.68 -15.52
N ILE B 250 -18.02 -14.32 -14.25
CA ILE B 250 -19.21 -13.68 -13.69
C ILE B 250 -19.46 -12.34 -14.36
N ASN B 251 -18.40 -11.63 -14.73
CA ASN B 251 -18.56 -10.34 -15.38
C ASN B 251 -19.13 -10.53 -16.79
N GLU B 252 -18.60 -11.49 -17.53
CA GLU B 252 -19.10 -11.74 -18.87
C GLU B 252 -20.56 -12.19 -18.86
N ASN B 253 -20.98 -12.80 -17.76
CA ASN B 253 -22.35 -13.26 -17.63
C ASN B 253 -23.27 -12.16 -17.12
N GLY B 254 -22.69 -11.00 -16.84
CA GLY B 254 -23.47 -9.86 -16.40
C GLY B 254 -24.09 -9.88 -15.02
N LEU B 255 -23.43 -10.52 -14.06
CA LEU B 255 -23.92 -10.53 -12.68
C LEU B 255 -22.81 -10.22 -11.68
N TYR B 256 -21.78 -9.51 -12.13
CA TYR B 256 -20.65 -9.10 -11.27
C TYR B 256 -21.13 -7.76 -10.67
N PRO B 257 -21.56 -7.76 -9.38
CA PRO B 257 -22.03 -6.52 -8.75
C PRO B 257 -21.07 -5.32 -8.71
N VAL B 258 -21.55 -4.19 -9.21
CA VAL B 258 -20.74 -2.97 -9.23
C VAL B 258 -21.48 -1.87 -8.47
N LYS B 259 -20.75 -1.17 -7.60
CA LYS B 259 -21.32 -0.07 -6.81
C LYS B 259 -22.56 -0.44 -5.98
N ASN B 260 -22.40 -1.33 -5.02
CA ASN B 260 -23.51 -1.76 -4.17
C ASN B 260 -24.69 -2.35 -4.96
N PHE B 261 -24.35 -3.26 -5.88
CA PHE B 261 -25.33 -3.95 -6.72
C PHE B 261 -26.18 -3.06 -7.62
N GLN B 262 -25.65 -1.93 -8.04
CA GLN B 262 -26.40 -1.05 -8.92
C GLN B 262 -26.39 -1.55 -10.36
N THR B 263 -25.35 -2.28 -10.72
CA THR B 263 -25.29 -2.85 -12.05
C THR B 263 -24.45 -4.12 -12.00
N GLY B 264 -24.45 -4.89 -13.09
CA GLY B 264 -23.73 -6.15 -13.10
C GLY B 264 -22.65 -6.36 -14.13
N VAL B 265 -22.07 -5.27 -14.61
CA VAL B 265 -21.00 -5.33 -15.60
C VAL B 265 -19.99 -4.25 -15.21
N TYR B 266 -18.73 -4.63 -15.09
CA TYR B 266 -17.67 -3.69 -14.73
C TYR B 266 -16.67 -3.69 -15.90
N PRO B 267 -16.41 -2.52 -16.49
CA PRO B 267 -15.47 -2.42 -17.62
C PRO B 267 -14.01 -2.76 -17.34
N TYR B 268 -13.58 -2.63 -16.09
CA TYR B 268 -12.20 -2.91 -15.72
C TYR B 268 -12.00 -4.20 -14.96
N ALA B 269 -12.95 -5.11 -15.08
CA ALA B 269 -12.88 -6.40 -14.38
C ALA B 269 -11.61 -7.20 -14.64
N TYR B 270 -11.11 -7.19 -15.87
CA TYR B 270 -9.92 -7.95 -16.19
C TYR B 270 -8.72 -7.59 -15.32
N GLU B 271 -8.62 -6.31 -14.98
CA GLU B 271 -7.51 -5.83 -14.17
C GLU B 271 -7.40 -6.47 -12.79
N GLN B 272 -8.51 -7.01 -12.29
CA GLN B 272 -8.52 -7.64 -10.98
C GLN B 272 -8.88 -9.12 -11.08
N SER B 273 -8.72 -9.70 -12.27
CA SER B 273 -9.05 -11.10 -12.47
C SER B 273 -7.93 -12.03 -12.06
N GLY B 274 -8.26 -13.32 -11.90
CA GLY B 274 -7.28 -14.31 -11.51
C GLY B 274 -6.13 -14.34 -12.50
N GLU B 275 -6.46 -14.18 -13.78
CA GLU B 275 -5.47 -14.17 -14.85
C GLU B 275 -4.49 -13.00 -14.73
N ALA B 276 -5.03 -11.81 -14.45
CA ALA B 276 -4.22 -10.62 -14.29
C ALA B 276 -3.38 -10.74 -13.01
N MET B 277 -3.96 -11.29 -11.96
CA MET B 277 -3.23 -11.49 -10.70
C MET B 277 -2.03 -12.40 -10.93
N ALA B 278 -2.26 -13.49 -11.64
CA ALA B 278 -1.21 -14.46 -11.92
C ALA B 278 -0.07 -13.87 -12.71
N ALA B 279 -0.37 -12.90 -13.57
CA ALA B 279 0.66 -12.27 -14.39
C ALA B 279 1.38 -11.13 -13.69
N LYS B 280 0.71 -10.48 -12.75
CA LYS B 280 1.31 -9.36 -12.05
C LYS B 280 1.93 -9.57 -10.70
N TYR B 281 1.28 -10.34 -9.82
CA TYR B 281 1.81 -10.48 -8.47
C TYR B 281 2.01 -11.87 -7.89
N LEU B 282 1.47 -12.88 -8.56
CA LEU B 282 1.56 -14.23 -8.03
C LEU B 282 2.98 -14.80 -7.92
N VAL B 283 3.27 -15.38 -6.77
CA VAL B 283 4.56 -16.02 -6.53
C VAL B 283 4.38 -17.51 -6.83
N ARG B 284 3.32 -18.10 -6.28
CA ARG B 284 3.00 -19.53 -6.46
C ARG B 284 1.64 -19.82 -5.85
N ASN B 285 1.21 -21.07 -5.91
CA ASN B 285 -0.07 -21.49 -5.32
C ASN B 285 0.27 -22.19 -3.99
N LYS B 286 -0.72 -22.38 -3.14
CA LYS B 286 -0.50 -23.02 -1.86
C LYS B 286 -1.70 -23.86 -1.48
N PRO B 287 -1.47 -25.13 -1.11
CA PRO B 287 -2.54 -26.04 -0.71
C PRO B 287 -2.86 -26.10 0.78
N CYS B 288 -4.11 -26.44 1.11
CA CYS B 288 -4.49 -26.60 2.52
C CYS B 288 -4.06 -28.03 2.82
N TYR B 289 -4.25 -28.45 4.06
CA TYR B 289 -3.88 -29.80 4.44
C TYR B 289 -4.47 -30.87 3.52
N ALA B 290 -3.60 -31.72 2.98
CA ALA B 290 -3.99 -32.84 2.12
C ALA B 290 -4.77 -32.47 0.86
N CYS B 291 -4.47 -31.30 0.30
CA CYS B 291 -5.19 -30.88 -0.90
C CYS B 291 -4.40 -31.10 -2.19
N PRO B 292 -5.04 -31.75 -3.17
CA PRO B 292 -4.42 -32.02 -4.48
C PRO B 292 -4.79 -30.92 -5.47
N ILE B 293 -5.51 -29.89 -5.01
CA ILE B 293 -5.94 -28.80 -5.89
C ILE B 293 -5.01 -27.59 -5.84
N GLY B 294 -4.69 -27.13 -4.63
CA GLY B 294 -3.80 -25.99 -4.47
C GLY B 294 -4.29 -24.67 -5.04
N CYS B 295 -5.51 -24.28 -4.65
CA CYS B 295 -6.08 -23.05 -5.16
C CYS B 295 -5.61 -21.80 -4.41
N GLY B 296 -5.02 -21.97 -3.23
CA GLY B 296 -4.55 -20.84 -2.45
C GLY B 296 -3.54 -19.99 -3.22
N ARG B 297 -3.57 -18.68 -3.03
CA ARG B 297 -2.65 -17.76 -3.72
C ARG B 297 -1.56 -17.25 -2.78
N VAL B 298 -0.37 -17.02 -3.30
CA VAL B 298 0.71 -16.42 -2.51
C VAL B 298 1.18 -15.27 -3.39
N ASN B 299 0.87 -14.05 -2.98
CA ASN B 299 1.23 -12.87 -3.75
C ASN B 299 2.34 -12.10 -3.08
N ARG B 300 2.99 -11.25 -3.85
CA ARG B 300 4.06 -10.43 -3.32
C ARG B 300 3.82 -9.02 -3.84
N LEU B 301 3.80 -8.04 -2.93
CA LEU B 301 3.61 -6.65 -3.29
C LEU B 301 4.80 -5.87 -2.79
N PRO B 302 5.26 -4.88 -3.56
CA PRO B 302 6.41 -4.08 -3.13
C PRO B 302 6.14 -3.32 -1.83
N THR B 303 4.86 -3.11 -1.50
CA THR B 303 4.49 -2.40 -0.29
C THR B 303 4.37 -3.28 0.95
N VAL B 304 3.43 -4.23 0.95
CA VAL B 304 3.23 -5.10 2.11
C VAL B 304 4.05 -6.37 2.11
N GLY B 305 4.72 -6.67 1.00
CA GLY B 305 5.52 -7.88 0.93
C GLY B 305 4.73 -9.11 0.53
N GLU B 306 5.20 -10.28 0.96
CA GLU B 306 4.53 -11.53 0.64
C GLU B 306 3.27 -11.69 1.50
N THR B 307 2.19 -12.12 0.87
CA THR B 307 0.91 -12.26 1.55
C THR B 307 0.13 -13.36 0.83
N GLU B 308 -1.00 -13.77 1.41
CA GLU B 308 -1.84 -14.80 0.82
C GLU B 308 -3.24 -14.31 0.50
N GLY B 309 -3.85 -14.91 -0.51
CA GLY B 309 -5.15 -14.44 -0.94
C GLY B 309 -4.81 -13.32 -1.90
N PRO B 310 -5.79 -12.50 -2.35
CA PRO B 310 -7.21 -12.55 -2.03
C PRO B 310 -8.01 -13.60 -2.82
N GLU B 311 -9.13 -14.04 -2.23
CA GLU B 311 -10.00 -14.98 -2.90
C GLU B 311 -10.92 -14.10 -3.75
N TYR B 312 -11.64 -14.72 -4.68
CA TYR B 312 -12.56 -13.99 -5.55
C TYR B 312 -13.50 -13.05 -4.79
N GLU B 313 -14.16 -13.58 -3.78
CA GLU B 313 -15.12 -12.81 -3.00
C GLU B 313 -14.48 -11.56 -2.43
N SER B 314 -13.23 -11.68 -2.00
CA SER B 314 -12.50 -10.55 -1.44
C SER B 314 -12.08 -9.56 -2.52
N VAL B 315 -11.72 -10.06 -3.70
CA VAL B 315 -11.36 -9.19 -4.81
C VAL B 315 -12.59 -8.37 -5.16
N TRP B 316 -13.76 -9.00 -5.14
CA TRP B 316 -14.99 -8.30 -5.47
C TRP B 316 -15.42 -7.29 -4.41
N ALA B 317 -15.55 -7.75 -3.16
CA ALA B 317 -16.00 -6.90 -2.05
C ALA B 317 -15.23 -5.61 -1.88
N LEU B 318 -13.92 -5.67 -2.11
CA LEU B 318 -13.05 -4.51 -1.97
C LEU B 318 -12.67 -3.85 -3.31
N GLY B 319 -13.19 -4.40 -4.41
CA GLY B 319 -12.90 -3.88 -5.74
C GLY B 319 -14.10 -3.29 -6.47
N ALA B 320 -14.63 -4.03 -7.45
CA ALA B 320 -15.76 -3.56 -8.25
C ALA B 320 -16.95 -3.09 -7.43
N ASN B 321 -17.18 -3.77 -6.30
CA ASN B 321 -18.27 -3.44 -5.38
C ASN B 321 -18.20 -1.98 -4.98
N LEU B 322 -16.97 -1.49 -4.85
CA LEU B 322 -16.71 -0.11 -4.45
C LEU B 322 -16.30 0.76 -5.65
N GLY B 323 -16.41 0.19 -6.86
CA GLY B 323 -16.01 0.91 -8.06
C GLY B 323 -14.50 1.12 -8.12
N ILE B 324 -13.75 0.24 -7.47
CA ILE B 324 -12.28 0.30 -7.44
C ILE B 324 -11.68 -0.77 -8.36
N ASN B 325 -10.73 -0.38 -9.21
CA ASN B 325 -10.09 -1.29 -10.16
C ASN B 325 -8.74 -1.84 -9.68
N ASP B 326 -8.02 -1.03 -8.92
CA ASP B 326 -6.67 -1.34 -8.43
C ASP B 326 -6.51 -2.65 -7.68
N LEU B 327 -5.97 -3.66 -8.36
CA LEU B 327 -5.73 -4.98 -7.78
C LEU B 327 -4.72 -4.91 -6.63
N ALA B 328 -3.70 -4.07 -6.79
CA ALA B 328 -2.70 -3.93 -5.73
C ALA B 328 -3.33 -3.39 -4.44
N SER B 329 -4.19 -2.36 -4.55
CA SER B 329 -4.87 -1.81 -3.38
C SER B 329 -5.79 -2.87 -2.77
N ILE B 330 -6.38 -3.69 -3.63
CA ILE B 330 -7.27 -4.77 -3.19
C ILE B 330 -6.50 -5.82 -2.40
N ILE B 331 -5.30 -6.16 -2.87
CA ILE B 331 -4.46 -7.13 -2.18
C ILE B 331 -4.04 -6.56 -0.83
N GLU B 332 -3.69 -5.29 -0.80
CA GLU B 332 -3.29 -4.67 0.46
C GLU B 332 -4.46 -4.70 1.45
N ALA B 333 -5.64 -4.34 0.95
CA ALA B 333 -6.85 -4.31 1.77
C ALA B 333 -7.20 -5.70 2.30
N ASN B 334 -6.99 -6.72 1.49
CA ASN B 334 -7.27 -8.10 1.91
C ASN B 334 -6.32 -8.50 3.05
N HIS B 335 -5.04 -8.16 2.89
CA HIS B 335 -4.01 -8.47 3.88
C HIS B 335 -4.32 -7.83 5.24
N MET B 336 -4.78 -6.58 5.22
CA MET B 336 -5.14 -5.88 6.45
C MET B 336 -6.35 -6.53 7.11
N CYS B 337 -7.31 -6.98 6.31
CA CYS B 337 -8.47 -7.65 6.89
C CYS B 337 -8.02 -8.93 7.59
N ASP B 338 -7.05 -9.63 7.00
CA ASP B 338 -6.53 -10.86 7.58
C ASP B 338 -5.78 -10.54 8.86
N GLU B 339 -4.91 -9.54 8.80
CA GLU B 339 -4.14 -9.17 9.98
C GLU B 339 -4.98 -8.67 11.14
N LEU B 340 -6.03 -7.92 10.83
CA LEU B 340 -6.90 -7.33 11.84
C LEU B 340 -8.03 -8.25 12.26
N GLY B 341 -8.31 -9.28 11.46
CA GLY B 341 -9.36 -10.22 11.80
C GLY B 341 -10.74 -9.74 11.41
N LEU B 342 -10.89 -9.35 10.15
CA LEU B 342 -12.15 -8.87 9.62
C LEU B 342 -12.60 -9.66 8.40
N ASP B 343 -13.92 -9.89 8.32
CA ASP B 343 -14.50 -10.59 7.18
C ASP B 343 -14.44 -9.60 6.02
N THR B 344 -13.73 -9.98 4.96
CA THR B 344 -13.58 -9.12 3.77
C THR B 344 -14.90 -8.78 3.11
N ILE B 345 -15.83 -9.72 3.10
CA ILE B 345 -17.14 -9.52 2.48
C ILE B 345 -17.98 -8.49 3.21
N SER B 346 -18.11 -8.63 4.53
CA SER B 346 -18.88 -7.68 5.30
C SER B 346 -18.23 -6.31 5.34
N THR B 347 -16.89 -6.28 5.34
CA THR B 347 -16.15 -5.01 5.34
C THR B 347 -16.49 -4.23 4.07
N GLY B 348 -16.31 -4.89 2.93
CA GLY B 348 -16.60 -4.27 1.64
C GLY B 348 -18.08 -3.95 1.51
N GLY B 349 -18.92 -4.84 2.01
CA GLY B 349 -20.34 -4.61 1.95
C GLY B 349 -20.71 -3.41 2.80
N THR B 350 -20.03 -3.22 3.93
CA THR B 350 -20.30 -2.09 4.80
C THR B 350 -19.79 -0.81 4.15
N LEU B 351 -18.62 -0.88 3.54
CA LEU B 351 -18.07 0.28 2.88
C LEU B 351 -18.90 0.67 1.64
N ALA B 352 -19.54 -0.30 0.99
CA ALA B 352 -20.38 0.00 -0.17
C ALA B 352 -21.65 0.74 0.27
N THR B 353 -22.21 0.36 1.42
CA THR B 353 -23.41 1.03 1.96
C THR B 353 -23.10 2.50 2.27
N ALA B 354 -21.95 2.73 2.89
CA ALA B 354 -21.53 4.08 3.23
C ALA B 354 -21.33 4.91 1.96
N MET B 355 -20.82 4.28 0.91
CA MET B 355 -20.59 4.96 -0.36
C MET B 355 -21.90 5.34 -1.01
N GLU B 356 -22.90 4.48 -0.89
CA GLU B 356 -24.19 4.79 -1.48
C GLU B 356 -24.92 5.83 -0.65
N LEU B 357 -24.80 5.73 0.67
CA LEU B 357 -25.41 6.70 1.56
C LEU B 357 -24.76 8.05 1.29
N TYR B 358 -23.45 8.04 1.04
CA TYR B 358 -22.70 9.26 0.77
C TYR B 358 -23.14 9.84 -0.58
N GLU B 359 -23.29 8.97 -1.56
CA GLU B 359 -23.73 9.38 -2.89
C GLU B 359 -25.13 10.02 -2.82
N LYS B 360 -26.01 9.44 -2.02
CA LYS B 360 -27.38 9.94 -1.87
C LYS B 360 -27.46 11.12 -0.92
N GLY B 361 -26.32 11.53 -0.38
CA GLY B 361 -26.27 12.67 0.52
C GLY B 361 -26.70 12.48 1.97
N HIS B 362 -26.75 11.23 2.43
CA HIS B 362 -27.17 10.96 3.80
C HIS B 362 -26.01 11.10 4.79
N ILE B 363 -24.78 10.90 4.31
CA ILE B 363 -23.59 11.06 5.12
C ILE B 363 -22.96 12.30 4.51
N LYS B 364 -22.81 13.34 5.33
CA LYS B 364 -22.23 14.57 4.82
C LYS B 364 -20.75 14.66 5.16
N ASP B 365 -20.03 15.46 4.39
CA ASP B 365 -18.60 15.66 4.58
C ASP B 365 -18.24 16.22 5.95
N GLU B 366 -19.10 17.09 6.47
CA GLU B 366 -18.88 17.71 7.78
C GLU B 366 -18.84 16.66 8.89
N GLU B 367 -19.39 15.50 8.60
CA GLU B 367 -19.44 14.40 9.52
C GLU B 367 -18.16 13.57 9.44
N LEU B 368 -17.52 13.59 8.28
CA LEU B 368 -16.29 12.85 8.07
C LEU B 368 -15.10 13.65 8.54
N GLY B 369 -15.19 14.97 8.41
CA GLY B 369 -14.11 15.85 8.82
C GLY B 369 -13.03 15.80 7.76
N ASP B 370 -11.83 15.37 8.13
CA ASP B 370 -10.73 15.28 7.17
C ASP B 370 -10.46 13.86 6.65
N ALA B 371 -11.29 12.91 7.07
CA ALA B 371 -11.17 11.52 6.65
C ALA B 371 -11.64 11.43 5.18
N PRO B 372 -11.09 10.46 4.41
CA PRO B 372 -11.43 10.27 2.98
C PRO B 372 -12.92 10.22 2.67
N PRO B 373 -13.37 11.00 1.67
CA PRO B 373 -14.79 10.99 1.35
C PRO B 373 -15.21 9.63 0.80
N PHE B 374 -16.41 9.18 1.14
CA PHE B 374 -16.91 7.90 0.67
C PHE B 374 -17.41 8.01 -0.77
N ARG B 375 -16.48 8.31 -1.66
CA ARG B 375 -16.73 8.49 -3.08
C ARG B 375 -16.33 7.21 -3.84
N TRP B 376 -17.21 6.75 -4.74
CA TRP B 376 -16.94 5.54 -5.52
C TRP B 376 -15.57 5.62 -6.18
N GLY B 377 -14.86 4.50 -6.21
CA GLY B 377 -13.55 4.48 -6.81
C GLY B 377 -12.43 5.11 -5.98
N ASN B 378 -12.75 5.67 -4.83
CA ASN B 378 -11.73 6.30 -4.00
C ASN B 378 -10.92 5.24 -3.24
N THR B 379 -9.72 4.95 -3.75
CA THR B 379 -8.85 3.95 -3.12
C THR B 379 -8.35 4.35 -1.74
N GLU B 380 -8.42 5.64 -1.42
CA GLU B 380 -7.96 6.07 -0.10
C GLU B 380 -8.87 5.52 0.99
N VAL B 381 -10.10 5.22 0.62
CA VAL B 381 -11.05 4.69 1.55
C VAL B 381 -10.54 3.34 2.08
N LEU B 382 -9.85 2.59 1.22
CA LEU B 382 -9.31 1.29 1.58
C LEU B 382 -8.08 1.35 2.49
N HIS B 383 -7.20 2.30 2.20
CA HIS B 383 -5.96 2.48 2.95
C HIS B 383 -6.19 3.07 4.35
N TYR B 384 -7.28 3.83 4.49
CA TYR B 384 -7.60 4.52 5.72
C TYR B 384 -8.57 3.84 6.68
N TYR B 385 -9.77 3.54 6.18
CA TYR B 385 -10.84 2.98 7.01
C TYR B 385 -10.73 1.58 7.58
N ILE B 386 -10.13 0.66 6.86
CA ILE B 386 -10.03 -0.71 7.35
C ILE B 386 -9.47 -0.79 8.76
N GLU B 387 -8.45 0.01 9.05
CA GLU B 387 -7.87 -0.02 10.39
C GLU B 387 -8.77 0.66 11.42
N LYS B 388 -9.43 1.74 11.02
CA LYS B 388 -10.32 2.49 11.90
C LYS B 388 -11.47 1.59 12.35
N ILE B 389 -11.88 0.67 11.48
CA ILE B 389 -12.97 -0.25 11.78
C ILE B 389 -12.52 -1.24 12.85
N ALA B 390 -11.36 -1.85 12.63
CA ALA B 390 -10.83 -2.83 13.58
C ALA B 390 -10.74 -2.32 15.00
N LYS B 391 -10.38 -1.04 15.13
CA LYS B 391 -10.22 -0.40 16.44
C LYS B 391 -11.40 0.45 16.85
N ARG B 392 -12.46 0.46 16.05
CA ARG B 392 -13.65 1.26 16.34
C ARG B 392 -13.26 2.71 16.58
N GLU B 393 -12.36 3.20 15.74
CA GLU B 393 -11.85 4.54 15.83
C GLU B 393 -12.52 5.48 14.85
N GLY B 394 -13.00 6.62 15.36
CA GLY B 394 -13.65 7.62 14.52
C GLY B 394 -14.92 7.11 13.89
N PHE B 395 -15.01 7.27 12.57
CA PHE B 395 -16.20 6.79 11.85
C PHE B 395 -16.17 5.26 11.87
N GLY B 396 -14.98 4.70 12.15
CA GLY B 396 -14.82 3.26 12.20
C GLY B 396 -15.74 2.61 13.23
N ASP B 397 -16.21 3.39 14.18
CA ASP B 397 -17.09 2.85 15.21
C ASP B 397 -18.47 2.60 14.63
N LYS B 398 -18.90 3.46 13.70
CA LYS B 398 -20.22 3.30 13.08
C LYS B 398 -20.21 2.16 12.09
N LEU B 399 -19.09 2.06 11.37
CA LEU B 399 -18.90 1.03 10.37
C LEU B 399 -18.76 -0.34 11.01
N ALA B 400 -18.21 -0.39 12.22
CA ALA B 400 -18.02 -1.66 12.91
C ALA B 400 -19.34 -2.37 13.22
N GLU B 401 -20.46 -1.69 13.00
CA GLU B 401 -21.79 -2.25 13.25
C GLU B 401 -22.36 -3.02 12.06
N GLY B 402 -21.77 -2.82 10.89
CA GLY B 402 -22.23 -3.51 9.71
C GLY B 402 -23.19 -2.71 8.86
N SER B 403 -23.35 -3.17 7.63
CA SER B 403 -24.20 -2.53 6.65
C SER B 403 -25.61 -2.19 7.11
N TYR B 404 -26.33 -3.16 7.64
CA TYR B 404 -27.70 -2.92 8.05
C TYR B 404 -27.87 -1.85 9.11
N ARG B 405 -27.21 -2.02 10.24
CA ARG B 405 -27.30 -1.06 11.32
C ARG B 405 -26.85 0.31 10.88
N LEU B 406 -25.81 0.37 10.04
CA LEU B 406 -25.32 1.66 9.54
C LEU B 406 -26.38 2.36 8.70
N ALA B 407 -26.98 1.66 7.75
CA ALA B 407 -28.01 2.25 6.90
C ALA B 407 -29.26 2.60 7.71
N GLU B 408 -29.63 1.72 8.63
CA GLU B 408 -30.80 1.97 9.44
C GLU B 408 -30.64 3.24 10.26
N SER B 409 -29.43 3.47 10.79
CA SER B 409 -29.19 4.65 11.59
C SER B 409 -29.33 5.97 10.80
N TYR B 410 -29.36 5.88 9.48
CA TYR B 410 -29.52 7.06 8.66
C TYR B 410 -30.93 7.11 8.06
N GLY B 411 -31.80 6.21 8.51
CA GLY B 411 -33.17 6.15 8.04
C GLY B 411 -33.35 5.55 6.67
N HIS B 412 -32.35 4.82 6.19
CA HIS B 412 -32.42 4.21 4.85
C HIS B 412 -31.91 2.78 4.78
N PRO B 413 -32.58 1.86 5.48
CA PRO B 413 -32.18 0.45 5.48
C PRO B 413 -32.30 -0.23 4.12
N GLU B 414 -33.02 0.39 3.20
CA GLU B 414 -33.20 -0.17 1.87
C GLU B 414 -31.93 -0.09 1.02
N LEU B 415 -30.97 0.73 1.44
CA LEU B 415 -29.71 0.87 0.74
C LEU B 415 -28.73 -0.20 1.22
N SER B 416 -29.16 -0.99 2.19
CA SER B 416 -28.36 -2.07 2.76
C SER B 416 -28.65 -3.37 2.02
N MET B 417 -27.70 -3.85 1.22
CA MET B 417 -27.86 -5.10 0.48
C MET B 417 -27.48 -6.28 1.39
N THR B 418 -28.37 -6.61 2.33
CA THR B 418 -28.18 -7.69 3.30
C THR B 418 -29.43 -8.55 3.35
N VAL B 419 -29.28 -9.77 3.86
CA VAL B 419 -30.41 -10.68 4.06
C VAL B 419 -30.13 -11.21 5.47
N LYS B 420 -31.06 -10.92 6.37
CA LYS B 420 -30.94 -11.29 7.79
C LYS B 420 -29.69 -10.59 8.34
N LYS B 421 -29.46 -9.37 7.84
CA LYS B 421 -28.33 -8.51 8.22
C LYS B 421 -26.96 -8.99 7.80
N LEU B 422 -26.88 -10.03 6.98
CA LEU B 422 -25.58 -10.48 6.49
C LEU B 422 -25.42 -9.87 5.12
N GLU B 423 -24.26 -9.25 4.91
CA GLU B 423 -23.95 -8.58 3.65
C GLU B 423 -23.82 -9.58 2.50
N LEU B 424 -24.53 -9.31 1.40
CA LEU B 424 -24.52 -10.18 0.22
C LEU B 424 -23.18 -10.26 -0.49
N PRO B 425 -22.87 -11.42 -1.08
CA PRO B 425 -21.64 -11.71 -1.80
C PRO B 425 -21.62 -11.32 -3.28
N ALA B 426 -20.53 -11.70 -3.95
CA ALA B 426 -20.23 -11.38 -5.34
C ALA B 426 -21.06 -11.89 -6.51
N TYR B 427 -22.37 -11.99 -6.36
CA TYR B 427 -23.21 -12.46 -7.46
C TYR B 427 -24.57 -11.80 -7.36
N ASP B 428 -24.95 -11.08 -8.41
CA ASP B 428 -26.24 -10.43 -8.42
C ASP B 428 -27.31 -11.49 -8.68
N PRO B 429 -28.31 -11.61 -7.79
CA PRO B 429 -29.39 -12.61 -7.92
C PRO B 429 -30.26 -12.42 -9.18
N ARG B 430 -30.20 -11.25 -9.81
CA ARG B 430 -31.01 -11.01 -11.00
C ARG B 430 -30.51 -11.82 -12.21
N GLY B 431 -29.28 -12.32 -12.12
CA GLY B 431 -28.71 -13.12 -13.20
C GLY B 431 -28.63 -14.61 -12.87
N ALA B 432 -29.18 -15.00 -11.74
CA ALA B 432 -29.18 -16.40 -11.28
C ALA B 432 -30.24 -16.46 -10.20
N GLU B 433 -31.48 -16.61 -10.62
CA GLU B 433 -32.61 -16.62 -9.70
C GLU B 433 -32.66 -17.72 -8.66
N GLY B 434 -32.14 -18.90 -9.00
CA GLY B 434 -32.11 -19.98 -8.03
C GLY B 434 -31.12 -19.63 -6.93
N HIS B 435 -30.06 -18.92 -7.30
CA HIS B 435 -29.05 -18.49 -6.34
C HIS B 435 -29.72 -17.46 -5.42
N GLY B 436 -30.66 -16.69 -5.97
CA GLY B 436 -31.40 -15.72 -5.18
C GLY B 436 -32.19 -16.38 -4.06
N LEU B 437 -32.91 -17.46 -4.39
CA LEU B 437 -33.68 -18.23 -3.42
C LEU B 437 -32.69 -18.70 -2.34
N GLY B 438 -31.48 -19.04 -2.76
CA GLY B 438 -30.46 -19.47 -1.82
C GLY B 438 -30.15 -18.40 -0.79
N TYR B 439 -29.95 -17.17 -1.24
CA TYR B 439 -29.67 -16.05 -0.34
C TYR B 439 -30.79 -15.87 0.67
N ALA B 440 -32.04 -15.99 0.21
CA ALA B 440 -33.23 -15.83 1.06
C ALA B 440 -33.49 -16.93 2.08
N THR B 441 -33.10 -18.16 1.77
CA THR B 441 -33.34 -19.30 2.64
C THR B 441 -32.14 -19.81 3.44
N ASN B 442 -30.94 -19.41 3.04
CA ASN B 442 -29.71 -19.84 3.71
C ASN B 442 -29.87 -19.60 5.23
N ASN B 443 -29.59 -20.64 6.03
CA ASN B 443 -29.72 -20.56 7.49
C ASN B 443 -28.84 -19.52 8.18
N ARG B 444 -27.73 -19.13 7.56
CA ARG B 444 -26.82 -18.17 8.17
C ARG B 444 -27.02 -16.72 7.69
N GLY B 445 -27.85 -16.52 6.69
CA GLY B 445 -28.09 -15.17 6.16
C GLY B 445 -27.77 -15.11 4.68
N GLY B 446 -27.64 -13.90 4.13
CA GLY B 446 -27.36 -13.71 2.72
C GLY B 446 -25.97 -14.20 2.35
N CYS B 447 -25.86 -15.51 2.22
CA CYS B 447 -24.60 -16.17 1.91
C CYS B 447 -24.74 -17.09 0.72
N HIS B 448 -23.66 -17.19 -0.03
CA HIS B 448 -23.63 -18.00 -1.25
C HIS B 448 -23.04 -19.42 -1.16
N ILE B 449 -21.97 -19.64 -0.39
CA ILE B 449 -21.36 -20.98 -0.38
C ILE B 449 -22.03 -22.12 0.35
N LYS B 450 -23.00 -21.85 1.21
CA LYS B 450 -23.68 -22.96 1.87
C LYS B 450 -24.77 -23.51 0.93
N ASN B 451 -24.90 -22.89 -0.24
CA ASN B 451 -25.85 -23.32 -1.29
C ASN B 451 -25.47 -22.62 -2.60
N TYR B 452 -24.30 -22.99 -3.09
CA TYR B 452 -23.70 -22.44 -4.29
C TYR B 452 -24.41 -22.75 -5.59
N MET B 453 -25.56 -22.14 -5.79
CA MET B 453 -26.33 -22.35 -7.02
C MET B 453 -25.69 -21.82 -8.29
N ILE B 454 -24.54 -21.17 -8.17
CA ILE B 454 -23.84 -20.65 -9.33
C ILE B 454 -23.23 -21.82 -10.11
N SER B 455 -23.00 -22.94 -9.42
CA SER B 455 -22.45 -24.11 -10.07
C SER B 455 -23.39 -24.60 -11.16
N PRO B 456 -24.66 -24.90 -10.81
CA PRO B 456 -25.60 -25.37 -11.84
C PRO B 456 -25.97 -24.26 -12.85
N GLU B 457 -26.45 -23.14 -12.33
CA GLU B 457 -26.90 -22.01 -13.13
C GLU B 457 -25.88 -21.32 -14.04
N ILE B 458 -24.63 -21.23 -13.61
CA ILE B 458 -23.61 -20.56 -14.43
C ILE B 458 -22.42 -21.43 -14.89
N LEU B 459 -21.94 -22.29 -14.00
CA LEU B 459 -20.77 -23.13 -14.32
C LEU B 459 -21.01 -24.45 -15.06
N GLY B 460 -22.15 -25.08 -14.81
CA GLY B 460 -22.45 -26.34 -15.46
C GLY B 460 -22.17 -27.57 -14.61
N TYR B 461 -22.14 -27.40 -13.28
CA TYR B 461 -21.89 -28.51 -12.36
C TYR B 461 -23.08 -28.56 -11.40
N PRO B 462 -23.76 -29.71 -11.25
CA PRO B 462 -23.55 -31.03 -11.86
C PRO B 462 -23.77 -30.94 -13.35
N TYR B 463 -24.64 -30.02 -13.75
CA TYR B 463 -24.94 -29.80 -15.15
C TYR B 463 -25.54 -28.42 -15.27
N LYS B 464 -25.53 -27.87 -16.47
CA LYS B 464 -26.05 -26.54 -16.73
C LYS B 464 -27.56 -26.43 -16.61
N MET B 465 -28.00 -25.36 -15.97
CA MET B 465 -29.41 -25.06 -15.78
C MET B 465 -29.59 -23.62 -16.22
N ASP B 466 -30.79 -23.26 -16.65
CA ASP B 466 -31.07 -21.88 -17.05
C ASP B 466 -31.06 -21.05 -15.79
N PRO B 467 -30.35 -19.92 -15.79
CA PRO B 467 -30.34 -19.09 -14.58
C PRO B 467 -31.70 -18.46 -14.32
N HIS B 468 -32.55 -18.45 -15.35
CA HIS B 468 -33.88 -17.87 -15.23
C HIS B 468 -35.02 -18.88 -15.22
N ASP B 469 -34.73 -20.07 -14.74
CA ASP B 469 -35.70 -21.14 -14.65
C ASP B 469 -36.11 -21.14 -13.18
N VAL B 470 -37.39 -20.93 -12.91
CA VAL B 470 -37.84 -20.91 -11.52
C VAL B 470 -38.84 -22.03 -11.21
N SER B 471 -38.57 -23.21 -11.77
CA SER B 471 -39.43 -24.38 -11.58
C SER B 471 -39.05 -25.21 -10.37
N ASP B 472 -39.89 -26.20 -10.08
CA ASP B 472 -39.65 -27.10 -8.95
C ASP B 472 -38.32 -27.79 -9.09
N ASP B 473 -37.90 -28.04 -10.34
CA ASP B 473 -36.62 -28.69 -10.56
C ASP B 473 -35.48 -27.80 -10.13
N LYS B 474 -35.66 -26.48 -10.27
CA LYS B 474 -34.63 -25.55 -9.85
C LYS B 474 -34.64 -25.50 -8.33
N ILE B 475 -35.83 -25.50 -7.74
CA ILE B 475 -35.96 -25.46 -6.29
C ILE B 475 -35.38 -26.74 -5.69
N LYS B 476 -35.59 -27.86 -6.37
CA LYS B 476 -35.06 -29.12 -5.89
C LYS B 476 -33.54 -29.13 -5.91
N MET B 477 -32.95 -28.48 -6.90
CA MET B 477 -31.48 -28.41 -6.99
C MET B 477 -30.97 -27.62 -5.81
N LEU B 478 -31.70 -26.58 -5.43
CA LEU B 478 -31.31 -25.76 -4.30
C LEU B 478 -31.29 -26.61 -3.05
N ILE B 479 -32.40 -27.29 -2.79
CA ILE B 479 -32.53 -28.15 -1.61
C ILE B 479 -31.40 -29.19 -1.58
N LEU B 480 -31.08 -29.75 -2.74
CA LEU B 480 -30.00 -30.73 -2.84
C LEU B 480 -28.68 -30.11 -2.43
N PHE B 481 -28.36 -28.94 -3.00
CA PHE B 481 -27.12 -28.26 -2.66
C PHE B 481 -27.03 -27.92 -1.18
N GLN B 482 -28.15 -27.54 -0.57
CA GLN B 482 -28.15 -27.19 0.84
C GLN B 482 -27.85 -28.39 1.72
N ASP B 483 -28.47 -29.52 1.41
CA ASP B 483 -28.28 -30.76 2.16
C ASP B 483 -26.90 -31.35 1.92
N LEU B 484 -26.49 -31.43 0.65
CA LEU B 484 -25.18 -31.98 0.28
C LEU B 484 -24.06 -31.18 0.93
N THR B 485 -24.17 -29.85 0.84
CA THR B 485 -23.17 -28.97 1.43
C THR B 485 -23.10 -29.18 2.95
N ALA B 486 -24.24 -29.48 3.57
CA ALA B 486 -24.28 -29.73 5.00
C ALA B 486 -23.49 -31.01 5.28
N LEU B 487 -23.56 -31.97 4.37
CA LEU B 487 -22.83 -33.22 4.51
C LEU B 487 -21.33 -32.97 4.37
N ILE B 488 -20.94 -32.35 3.26
CA ILE B 488 -19.53 -32.03 2.99
C ILE B 488 -18.89 -31.24 4.14
N ASP B 489 -19.62 -30.26 4.67
CA ASP B 489 -19.12 -29.45 5.78
C ASP B 489 -18.87 -30.34 7.01
N SER B 490 -19.80 -31.24 7.27
CA SER B 490 -19.71 -32.15 8.41
C SER B 490 -18.63 -33.20 8.24
N ALA B 491 -18.36 -33.58 7.00
CA ALA B 491 -17.35 -34.58 6.71
C ALA B 491 -15.94 -34.06 6.98
N GLY B 492 -15.72 -32.77 6.73
CA GLY B 492 -14.41 -32.19 6.92
C GLY B 492 -13.67 -31.98 5.60
N LEU B 493 -14.40 -32.04 4.49
CA LEU B 493 -13.81 -31.85 3.17
C LEU B 493 -14.08 -30.43 2.66
N CYS B 494 -13.38 -30.07 1.59
CA CYS B 494 -13.51 -28.76 0.96
C CYS B 494 -14.64 -28.84 -0.06
N LEU B 495 -15.47 -27.80 -0.10
CA LEU B 495 -16.58 -27.75 -1.02
C LEU B 495 -16.15 -27.85 -2.47
N PHE B 496 -14.95 -27.38 -2.78
CA PHE B 496 -14.46 -27.42 -4.16
C PHE B 496 -14.26 -28.82 -4.75
N THR B 497 -14.39 -29.86 -3.91
CA THR B 497 -14.25 -31.24 -4.39
C THR B 497 -15.46 -31.58 -5.27
N THR B 498 -16.49 -30.73 -5.23
CA THR B 498 -17.69 -30.95 -6.05
C THR B 498 -17.37 -30.77 -7.55
N PHE B 499 -16.19 -30.25 -7.85
CA PHE B 499 -15.74 -30.09 -9.24
C PHE B 499 -15.00 -31.36 -9.59
N GLY B 500 -15.74 -32.47 -9.64
CA GLY B 500 -15.13 -33.74 -9.96
C GLY B 500 -15.81 -34.86 -9.21
N LEU B 501 -16.20 -34.60 -7.97
CA LEU B 501 -16.87 -35.60 -7.14
C LEU B 501 -18.37 -35.36 -6.97
N GLY B 502 -19.11 -36.43 -6.78
CA GLY B 502 -20.55 -36.36 -6.60
C GLY B 502 -20.92 -37.02 -5.28
N ALA B 503 -22.21 -37.01 -4.94
CA ALA B 503 -22.69 -37.60 -3.70
C ALA B 503 -22.16 -39.01 -3.40
N ASP B 504 -22.16 -39.87 -4.42
CA ASP B 504 -21.67 -41.24 -4.29
C ASP B 504 -20.21 -41.30 -3.90
N ASP B 505 -19.41 -40.41 -4.45
CA ASP B 505 -17.98 -40.37 -4.15
C ASP B 505 -17.74 -40.10 -2.67
N TYR B 506 -18.56 -39.23 -2.09
CA TYR B 506 -18.45 -38.89 -0.68
C TYR B 506 -18.87 -40.09 0.16
N ARG B 507 -19.87 -40.83 -0.31
CA ARG B 507 -20.34 -42.04 0.37
C ARG B 507 -19.18 -43.04 0.45
N ASP B 508 -18.52 -43.27 -0.67
CA ASP B 508 -17.38 -44.19 -0.77
C ASP B 508 -16.28 -43.92 0.26
N LEU B 509 -15.85 -42.66 0.34
CA LEU B 509 -14.82 -42.24 1.28
C LEU B 509 -15.29 -42.38 2.73
N LEU B 510 -16.48 -41.88 3.03
CA LEU B 510 -17.01 -41.95 4.40
C LEU B 510 -17.20 -43.38 4.90
N ASN B 511 -17.66 -44.27 4.02
CA ASN B 511 -17.86 -45.66 4.41
C ASN B 511 -16.51 -46.33 4.66
N ALA B 512 -15.60 -46.21 3.70
CA ALA B 512 -14.27 -46.80 3.81
C ALA B 512 -13.53 -46.37 5.08
N ALA B 513 -13.67 -45.10 5.44
CA ALA B 513 -13.01 -44.55 6.61
C ALA B 513 -13.71 -44.85 7.94
N LEU B 514 -15.03 -44.74 7.94
CA LEU B 514 -15.80 -44.97 9.16
C LEU B 514 -16.12 -46.44 9.38
N GLY B 515 -16.16 -47.18 8.29
CA GLY B 515 -16.50 -48.58 8.36
C GLY B 515 -17.99 -48.76 8.47
N TRP B 516 -18.75 -47.91 7.77
CA TRP B 516 -20.21 -47.97 7.78
C TRP B 516 -20.67 -48.52 6.44
N ASP B 517 -21.96 -48.77 6.32
CA ASP B 517 -22.53 -49.30 5.09
C ASP B 517 -23.75 -48.50 4.68
N PHE B 518 -23.63 -47.18 4.73
CA PHE B 518 -24.73 -46.28 4.39
C PHE B 518 -24.86 -46.12 2.88
N THR B 519 -26.08 -45.87 2.42
CA THR B 519 -26.27 -45.63 1.00
C THR B 519 -26.03 -44.14 0.85
N THR B 520 -25.98 -43.65 -0.38
CA THR B 520 -25.79 -42.24 -0.60
C THR B 520 -27.01 -41.52 0.00
N GLU B 521 -28.15 -42.18 -0.08
CA GLU B 521 -29.40 -41.63 0.44
C GLU B 521 -29.36 -41.46 1.96
N ASP B 522 -28.64 -42.32 2.66
CA ASP B 522 -28.52 -42.22 4.10
C ASP B 522 -27.68 -41.01 4.52
N TYR B 523 -26.59 -40.76 3.80
CA TYR B 523 -25.72 -39.62 4.10
C TYR B 523 -26.44 -38.30 3.84
N LEU B 524 -27.17 -38.22 2.74
CA LEU B 524 -27.92 -37.02 2.38
C LEU B 524 -29.00 -36.66 3.39
N LYS B 525 -29.53 -37.66 4.10
CA LYS B 525 -30.55 -37.44 5.11
C LYS B 525 -29.91 -36.80 6.34
N ILE B 526 -28.64 -37.12 6.59
CA ILE B 526 -27.93 -36.52 7.71
C ILE B 526 -27.86 -35.02 7.38
N GLY B 527 -27.59 -34.72 6.10
CA GLY B 527 -27.53 -33.34 5.64
C GLY B 527 -28.85 -32.63 5.82
N GLU B 528 -29.95 -33.32 5.48
CA GLU B 528 -31.28 -32.76 5.63
C GLU B 528 -31.59 -32.57 7.12
N ARG B 529 -31.09 -33.48 7.96
CA ARG B 529 -31.31 -33.39 9.40
C ARG B 529 -30.60 -32.16 9.95
N ILE B 530 -29.39 -31.91 9.46
CA ILE B 530 -28.59 -30.76 9.89
C ILE B 530 -29.25 -29.46 9.43
N TRP B 531 -29.71 -29.42 8.17
CA TRP B 531 -30.36 -28.22 7.66
C TRP B 531 -31.59 -27.87 8.48
N ASN B 532 -32.41 -28.89 8.80
CA ASN B 532 -33.62 -28.69 9.60
C ASN B 532 -33.35 -28.30 11.05
N ALA B 533 -32.32 -28.89 11.65
CA ALA B 533 -31.95 -28.57 13.04
C ALA B 533 -31.52 -27.10 13.16
N GLU B 534 -30.84 -26.58 12.15
CA GLU B 534 -30.40 -25.18 12.12
C GLU B 534 -31.60 -24.25 11.98
N ARG B 535 -32.54 -24.62 11.12
CA ARG B 535 -33.77 -23.85 10.88
C ARG B 535 -34.53 -23.76 12.20
N LEU B 536 -34.66 -24.89 12.90
CA LEU B 536 -35.38 -24.95 14.18
C LEU B 536 -34.74 -24.02 15.23
N PHE B 537 -33.42 -24.05 15.31
CA PHE B 537 -32.70 -23.19 16.24
C PHE B 537 -33.05 -21.73 15.93
N ASN B 538 -32.99 -21.37 14.64
CA ASN B 538 -33.31 -20.00 14.19
C ASN B 538 -34.72 -19.65 14.57
N LEU B 539 -35.65 -20.56 14.28
CA LEU B 539 -37.07 -20.36 14.57
C LEU B 539 -37.25 -20.12 16.07
N LYS B 540 -36.48 -20.85 16.86
CA LYS B 540 -36.55 -20.68 18.29
C LYS B 540 -35.86 -19.40 18.71
N ALA B 541 -34.87 -18.97 17.93
CA ALA B 541 -34.14 -17.74 18.22
C ALA B 541 -34.98 -16.53 17.84
N GLY B 542 -36.12 -16.75 17.19
CA GLY B 542 -37.01 -15.66 16.82
C GLY B 542 -37.22 -15.37 15.34
N LEU B 543 -36.74 -16.24 14.46
CA LEU B 543 -36.89 -16.00 13.03
C LEU B 543 -38.37 -15.95 12.60
N ASP B 544 -38.71 -14.92 11.85
CA ASP B 544 -40.07 -14.77 11.33
C ASP B 544 -39.92 -14.93 9.82
N PRO B 545 -40.23 -16.11 9.28
CA PRO B 545 -40.12 -16.41 7.85
C PRO B 545 -40.59 -15.34 6.88
N ALA B 546 -41.72 -14.71 7.19
CA ALA B 546 -42.28 -13.66 6.34
C ALA B 546 -41.38 -12.42 6.24
N ARG B 547 -40.88 -11.98 7.38
CA ARG B 547 -40.02 -10.82 7.40
C ARG B 547 -38.57 -11.14 7.04
N ASP B 548 -38.06 -12.27 7.53
CA ASP B 548 -36.66 -12.64 7.32
C ASP B 548 -36.23 -13.37 6.05
N ASP B 549 -37.12 -14.16 5.46
CA ASP B 549 -36.75 -14.88 4.24
C ASP B 549 -37.13 -14.05 3.02
N THR B 550 -36.32 -13.06 2.71
CA THR B 550 -36.55 -12.19 1.54
C THR B 550 -35.23 -11.74 0.98
N LEU B 551 -35.32 -10.79 0.06
CA LEU B 551 -34.17 -10.21 -0.60
C LEU B 551 -34.47 -8.70 -0.59
N PRO B 552 -33.41 -7.86 -0.63
CA PRO B 552 -33.65 -6.41 -0.65
C PRO B 552 -34.51 -6.05 -1.87
N LYS B 553 -35.36 -5.05 -1.72
CA LYS B 553 -36.25 -4.61 -2.79
C LYS B 553 -35.55 -4.33 -4.09
N ARG B 554 -34.29 -3.91 -4.02
CA ARG B 554 -33.54 -3.62 -5.23
C ARG B 554 -33.65 -4.77 -6.22
N PHE B 555 -33.51 -5.99 -5.72
CA PHE B 555 -33.57 -7.18 -6.56
C PHE B 555 -34.96 -7.60 -7.01
N LEU B 556 -35.96 -7.23 -6.23
CA LEU B 556 -37.33 -7.60 -6.56
C LEU B 556 -38.05 -6.53 -7.37
N GLU B 557 -37.55 -5.30 -7.35
CA GLU B 557 -38.19 -4.17 -8.02
C GLU B 557 -37.46 -3.46 -9.15
N GLU B 558 -36.13 -3.44 -9.11
CA GLU B 558 -35.35 -2.75 -10.11
C GLU B 558 -34.77 -3.70 -11.14
N PRO B 559 -35.13 -3.53 -12.42
CA PRO B 559 -34.63 -4.38 -13.50
C PRO B 559 -33.12 -4.21 -13.62
N MET B 560 -32.41 -5.28 -13.95
CA MET B 560 -30.96 -5.20 -14.14
C MET B 560 -30.82 -4.20 -15.28
N PRO B 561 -30.13 -3.08 -15.04
CA PRO B 561 -29.90 -1.99 -15.99
C PRO B 561 -29.14 -2.29 -17.26
N GLU B 562 -28.26 -3.29 -17.24
CA GLU B 562 -27.50 -3.58 -18.44
C GLU B 562 -26.90 -4.95 -18.42
N GLY B 563 -26.26 -5.29 -19.55
CA GLY B 563 -25.63 -6.58 -19.68
C GLY B 563 -26.62 -7.60 -20.19
N PRO B 564 -26.19 -8.86 -20.35
CA PRO B 564 -27.07 -9.92 -20.86
C PRO B 564 -28.29 -10.23 -20.00
N ASN B 565 -28.31 -9.74 -18.76
CA ASN B 565 -29.43 -9.98 -17.85
C ASN B 565 -30.33 -8.75 -17.71
N LYS B 566 -30.10 -7.78 -18.58
CA LYS B 566 -30.87 -6.55 -18.57
C LYS B 566 -32.37 -6.83 -18.53
N GLY B 567 -33.07 -6.07 -17.71
CA GLY B 567 -34.50 -6.23 -17.60
C GLY B 567 -34.95 -7.26 -16.59
N HIS B 568 -34.02 -8.06 -16.07
CA HIS B 568 -34.42 -9.07 -15.12
C HIS B 568 -34.59 -8.61 -13.69
N THR B 569 -35.41 -9.38 -12.98
CA THR B 569 -35.77 -9.15 -11.60
C THR B 569 -35.92 -10.56 -10.99
N VAL B 570 -35.73 -10.73 -9.68
CA VAL B 570 -35.85 -12.06 -9.07
C VAL B 570 -37.28 -12.39 -8.68
N ARG B 571 -37.83 -13.47 -9.24
CA ARG B 571 -39.19 -13.89 -8.93
C ARG B 571 -39.24 -14.70 -7.65
N LEU B 572 -38.97 -14.04 -6.52
CA LEU B 572 -38.94 -14.69 -5.23
C LEU B 572 -40.29 -15.13 -4.69
N LYS B 573 -41.30 -14.27 -4.83
CA LYS B 573 -42.63 -14.59 -4.32
C LYS B 573 -43.19 -15.92 -4.83
N GLU B 574 -42.88 -16.25 -6.07
CA GLU B 574 -43.32 -17.51 -6.68
C GLU B 574 -42.59 -18.70 -6.09
N MET B 575 -41.26 -18.58 -6.02
CA MET B 575 -40.42 -19.66 -5.53
C MET B 575 -40.53 -20.00 -4.06
N LEU B 576 -40.53 -18.97 -3.22
CA LEU B 576 -40.55 -19.18 -1.79
C LEU B 576 -41.57 -20.22 -1.23
N PRO B 577 -42.87 -20.05 -1.51
CA PRO B 577 -43.84 -21.02 -1.00
C PRO B 577 -43.60 -22.46 -1.48
N ARG B 578 -43.18 -22.63 -2.73
CA ARG B 578 -42.91 -23.95 -3.26
C ARG B 578 -41.73 -24.57 -2.54
N TYR B 579 -40.77 -23.73 -2.17
CA TYR B 579 -39.59 -24.19 -1.45
C TYR B 579 -40.00 -24.76 -0.09
N TYR B 580 -40.84 -24.03 0.65
CA TYR B 580 -41.31 -24.50 1.96
C TYR B 580 -42.01 -25.83 1.81
N LYS B 581 -42.89 -25.92 0.80
CA LYS B 581 -43.65 -27.13 0.53
C LYS B 581 -42.74 -28.32 0.25
N LEU B 582 -41.79 -28.14 -0.67
CA LEU B 582 -40.86 -29.20 -1.03
C LEU B 582 -39.90 -29.54 0.11
N ARG B 583 -39.79 -28.66 1.10
CA ARG B 583 -38.92 -28.93 2.24
C ARG B 583 -39.62 -29.73 3.32
N GLY B 584 -40.94 -29.86 3.20
CA GLY B 584 -41.72 -30.58 4.18
C GLY B 584 -42.15 -29.67 5.29
N TRP B 585 -42.08 -28.37 5.04
CA TRP B 585 -42.45 -27.39 6.04
C TRP B 585 -43.81 -26.81 5.72
N THR B 586 -44.35 -26.06 6.66
CA THR B 586 -45.65 -25.43 6.49
C THR B 586 -45.56 -24.25 5.52
N GLU B 587 -46.73 -23.76 5.13
CA GLU B 587 -46.86 -22.64 4.23
C GLU B 587 -46.13 -21.43 4.78
N ASP B 588 -46.22 -21.24 6.09
CA ASP B 588 -45.57 -20.11 6.75
C ASP B 588 -44.09 -20.29 7.09
N GLY B 589 -43.46 -21.29 6.48
CA GLY B 589 -42.05 -21.54 6.69
C GLY B 589 -41.62 -22.10 8.04
N LYS B 590 -42.49 -22.89 8.66
CA LYS B 590 -42.17 -23.50 9.94
C LYS B 590 -42.12 -25.01 9.85
N ILE B 591 -41.40 -25.64 10.77
CA ILE B 591 -41.24 -27.09 10.77
C ILE B 591 -42.24 -27.78 11.71
N PRO B 592 -43.21 -28.53 11.14
CA PRO B 592 -44.23 -29.25 11.91
C PRO B 592 -43.60 -30.43 12.65
N LYS B 593 -44.13 -30.78 13.82
CA LYS B 593 -43.55 -31.88 14.60
C LYS B 593 -43.38 -33.19 13.84
N GLU B 594 -44.26 -33.42 12.85
CA GLU B 594 -44.21 -34.62 12.02
C GLU B 594 -42.85 -34.77 11.34
N LYS B 595 -42.34 -33.66 10.79
CA LYS B 595 -41.05 -33.64 10.11
C LYS B 595 -39.94 -33.88 11.13
N LEU B 596 -40.07 -33.31 12.31
CA LEU B 596 -39.08 -33.47 13.35
C LEU B 596 -39.00 -34.92 13.78
N GLU B 597 -40.14 -35.58 13.86
CA GLU B 597 -40.18 -36.99 14.24
C GLU B 597 -39.57 -37.82 13.13
N GLU B 598 -39.86 -37.44 11.89
CA GLU B 598 -39.32 -38.13 10.72
C GLU B 598 -37.79 -38.10 10.68
N LEU B 599 -37.22 -36.95 11.00
CA LEU B 599 -35.77 -36.78 10.99
C LEU B 599 -35.15 -37.25 12.29
N GLY B 600 -36.00 -37.71 13.22
CA GLY B 600 -35.51 -38.19 14.50
C GLY B 600 -35.01 -37.11 15.44
N ILE B 601 -35.59 -35.91 15.35
CA ILE B 601 -35.19 -34.81 16.21
C ILE B 601 -36.36 -34.15 16.95
N ALA B 602 -37.47 -34.87 17.05
CA ALA B 602 -38.67 -34.37 17.73
C ALA B 602 -38.41 -34.02 19.19
N GLU B 603 -37.28 -34.46 19.72
CA GLU B 603 -36.92 -34.15 21.11
C GLU B 603 -36.64 -32.65 21.28
N PHE B 604 -36.44 -31.96 20.17
CA PHE B 604 -36.16 -30.53 20.19
C PHE B 604 -37.36 -29.71 19.74
N TYR B 605 -38.56 -30.28 19.84
CA TYR B 605 -39.76 -29.56 19.43
C TYR B 605 -40.09 -28.46 20.43
#